data_9C99
#
_entry.id   9C99
#
_cell.length_a   69.689
_cell.length_b   76.800
_cell.length_c   179.100
_cell.angle_alpha   90.00
_cell.angle_beta   90.00
_cell.angle_gamma   90.00
#
_symmetry.space_group_name_H-M   'P 2 21 21'
#
loop_
_entity.id
_entity.type
_entity.pdbx_description
1 polymer AprG
2 non-polymer N-(2-hydroxyethyl)acetamide
3 non-polymer 'MAGNESIUM ION'
4 non-polymer 'ACETATE ION'
5 water water
#
_entity_poly.entity_id   1
_entity_poly.type   'polypeptide(L)'
_entity_poly.pdbx_seq_one_letter_code
;LSGNSPHELKNAAQRAADWLVERQRPNGALPSRTAVIESCYKGMWALHTAGHTQAASAVADYVTSLLQPDGDIPQPREER
YFLDVHYLYANGYLTIGAHVLGRFGLSRKLMSFVETMRNPATGGFRSHGPAIPGDGRCDSVSTSISGLAALYTGRVDTAR
SAADFLGSLWVGQPDRKNVFHAVADASGAVLTSDDAVAVQVRKAEGDWYFIGLPAFFLTALYEATEDRAYLDLATDLMTY
MDEDCDEDAFVDSSCGKAGVAAALLYRLTGRPRYREIAEGIGTLLCERQSPYGYWSEEETGDVADLFWGDLDMTAEYVLW
LDLIGRNLASGERVWAGKR
;
_entity_poly.pdbx_strand_id   A,B
#
# COMPACT_ATOMS: atom_id res chain seq x y z
N GLY A 3 22.41 -12.01 15.71
CA GLY A 3 21.12 -11.43 16.00
C GLY A 3 19.97 -12.36 15.66
N ASN A 4 18.80 -11.79 15.40
CA ASN A 4 17.61 -12.54 15.05
C ASN A 4 17.40 -12.53 13.53
N SER A 5 16.92 -13.65 13.01
CA SER A 5 16.66 -13.76 11.60
C SER A 5 15.47 -12.88 11.19
N PRO A 6 15.38 -12.54 9.89
CA PRO A 6 14.18 -11.82 9.42
C PRO A 6 12.88 -12.54 9.76
N HIS A 7 12.88 -13.87 9.69
CA HIS A 7 11.68 -14.62 10.08
C HIS A 7 11.34 -14.40 11.56
N GLU A 8 12.37 -14.34 12.42
CA GLU A 8 12.15 -14.13 13.85
C GLU A 8 11.59 -12.73 14.15
N LEU A 9 12.13 -11.70 13.48
CA LEU A 9 11.57 -10.37 13.65
C LEU A 9 10.11 -10.34 13.21
N LYS A 10 9.79 -10.99 12.09
CA LYS A 10 8.41 -10.99 11.62
C LYS A 10 7.50 -11.74 12.58
N ASN A 11 7.98 -12.83 13.15
CA ASN A 11 7.21 -13.54 14.17
C ASN A 11 6.84 -12.62 15.33
N ALA A 12 7.77 -11.81 15.81
CA ALA A 12 7.47 -10.90 16.92
C ALA A 12 6.43 -9.87 16.50
N ALA A 13 6.58 -9.32 15.30
CA ALA A 13 5.60 -8.37 14.79
C ALA A 13 4.21 -9.00 14.71
N GLN A 14 4.12 -10.25 14.26
CA GLN A 14 2.82 -10.90 14.10
C GLN A 14 2.17 -11.18 15.46
N ARG A 15 2.96 -11.58 16.46
CA ARG A 15 2.41 -11.77 17.80
C ARG A 15 1.80 -10.47 18.32
N ALA A 16 2.50 -9.37 18.12
CA ALA A 16 1.99 -8.07 18.58
C ALA A 16 0.75 -7.65 17.80
N ALA A 17 0.73 -7.88 16.49
CA ALA A 17 -0.47 -7.55 15.74
C ALA A 17 -1.66 -8.39 16.20
N ASP A 18 -1.45 -9.69 16.46
CA ASP A 18 -2.54 -10.51 17.00
C ASP A 18 -3.03 -9.98 18.34
N TRP A 19 -2.09 -9.57 19.21
CA TRP A 19 -2.45 -8.99 20.49
C TRP A 19 -3.37 -7.79 20.32
N LEU A 20 -3.01 -6.88 19.40
CA LEU A 20 -3.83 -5.69 19.14
C LEU A 20 -5.21 -6.07 18.66
N VAL A 21 -5.28 -6.98 17.70
CA VAL A 21 -6.54 -7.26 17.03
C VAL A 21 -7.52 -7.95 17.97
N GLU A 22 -7.01 -8.87 18.82
CA GLU A 22 -7.87 -9.54 19.80
C GLU A 22 -8.55 -8.55 20.72
N ARG A 23 -7.95 -7.36 20.90
CA ARG A 23 -8.44 -6.38 21.86
C ARG A 23 -9.00 -5.14 21.19
N GLN A 24 -9.10 -5.15 19.87
CA GLN A 24 -9.66 -4.00 19.16
C GLN A 24 -11.15 -3.84 19.47
N ARG A 25 -11.58 -2.58 19.57
CA ARG A 25 -12.94 -2.28 19.98
C ARG A 25 -13.91 -2.30 18.80
N PRO A 26 -15.22 -2.44 19.05
CA PRO A 26 -16.16 -2.60 17.93
C PRO A 26 -16.17 -1.42 16.96
N ASN A 27 -15.89 -0.20 17.43
CA ASN A 27 -15.82 0.94 16.52
C ASN A 27 -14.50 1.00 15.73
N GLY A 28 -13.58 0.08 15.99
CA GLY A 28 -12.30 0.07 15.29
C GLY A 28 -11.13 0.60 16.07
N ALA A 29 -11.36 1.31 17.18
CA ALA A 29 -10.29 1.87 17.99
C ALA A 29 -9.42 0.76 18.60
N LEU A 30 -8.12 1.04 18.69
CA LEU A 30 -7.22 0.11 19.39
C LEU A 30 -7.35 0.28 20.92
N PRO A 31 -6.96 -0.75 21.71
CA PRO A 31 -7.30 -0.76 23.15
C PRO A 31 -6.46 0.18 24.00
N SER A 32 -6.76 1.46 23.91
CA SER A 32 -5.99 2.47 24.61
C SER A 32 -6.77 2.89 25.86
N ARG A 33 -6.04 3.18 26.92
CA ARG A 33 -6.74 3.64 28.11
C ARG A 33 -7.28 5.07 27.97
N THR A 34 -6.88 5.81 26.93
CA THR A 34 -7.46 7.12 26.63
C THR A 34 -7.75 7.20 25.14
N ALA A 35 -8.92 7.69 24.80
CA ALA A 35 -9.35 7.76 23.41
C ALA A 35 -8.69 8.98 22.75
N VAL A 36 -7.46 8.80 22.25
CA VAL A 36 -6.71 9.89 21.62
C VAL A 36 -6.15 9.40 20.30
N ILE A 37 -6.03 10.30 19.32
CA ILE A 37 -5.53 9.87 18.01
C ILE A 37 -4.08 9.41 18.13
N GLU A 38 -3.33 9.93 19.10
CA GLU A 38 -1.94 9.51 19.22
C GLU A 38 -1.79 8.09 19.75
N SER A 39 -2.89 7.42 20.06
CA SER A 39 -2.82 6.04 20.51
C SER A 39 -2.92 5.05 19.35
N CYS A 40 -3.40 5.48 18.18
CA CYS A 40 -3.65 4.52 17.10
C CYS A 40 -3.29 5.03 15.71
N TYR A 41 -2.57 6.15 15.56
CA TYR A 41 -2.28 6.69 14.23
C TYR A 41 -1.39 5.76 13.39
N LYS A 42 -0.60 4.88 14.01
CA LYS A 42 0.18 3.91 13.25
C LYS A 42 -0.57 2.62 12.96
N GLY A 43 -1.81 2.49 13.43
CA GLY A 43 -2.47 1.21 13.41
C GLY A 43 -2.87 0.75 12.02
N MET A 44 -3.37 1.67 11.17
CA MET A 44 -3.79 1.22 9.85
C MET A 44 -2.61 0.57 9.12
N TRP A 45 -1.46 1.26 9.06
CA TRP A 45 -0.32 0.77 8.30
C TRP A 45 0.28 -0.47 8.97
N ALA A 46 0.46 -0.44 10.30
CA ALA A 46 1.02 -1.59 10.99
C ALA A 46 0.17 -2.84 10.79
N LEU A 47 -1.15 -2.74 11.01
CA LEU A 47 -2.02 -3.91 10.89
C LEU A 47 -2.09 -4.40 9.46
N HIS A 48 -1.97 -3.48 8.49
CA HIS A 48 -1.95 -3.91 7.10
C HIS A 48 -0.69 -4.73 6.80
N THR A 49 0.47 -4.29 7.29
CA THR A 49 1.68 -5.09 7.04
C THR A 49 1.59 -6.46 7.68
N ALA A 50 0.83 -6.61 8.75
CA ALA A 50 0.66 -7.92 9.37
C ALA A 50 -0.42 -8.77 8.68
N GLY A 51 -1.02 -8.28 7.60
CA GLY A 51 -2.06 -9.03 6.94
C GLY A 51 -3.41 -8.94 7.62
N HIS A 52 -3.53 -8.15 8.68
CA HIS A 52 -4.79 -7.96 9.39
C HIS A 52 -5.59 -6.83 8.75
N THR A 53 -6.04 -7.08 7.52
CA THR A 53 -6.61 -6.00 6.74
C THR A 53 -8.01 -5.60 7.21
N GLN A 54 -8.78 -6.53 7.78
CA GLN A 54 -10.09 -6.12 8.32
C GLN A 54 -9.93 -5.28 9.58
N ALA A 55 -8.93 -5.58 10.41
CA ALA A 55 -8.68 -4.74 11.57
C ALA A 55 -8.13 -3.37 11.14
N ALA A 56 -7.24 -3.36 10.14
CA ALA A 56 -6.72 -2.11 9.61
C ALA A 56 -7.83 -1.25 9.01
N SER A 57 -8.74 -1.87 8.25
CA SER A 57 -9.87 -1.14 7.69
C SER A 57 -10.83 -0.65 8.77
N ALA A 58 -10.90 -1.37 9.90
CA ALA A 58 -11.69 -0.92 11.03
C ALA A 58 -11.08 0.31 11.67
N VAL A 59 -9.74 0.36 11.80
CA VAL A 59 -9.09 1.60 12.22
C VAL A 59 -9.41 2.71 11.21
N ALA A 60 -9.45 2.38 9.91
CA ALA A 60 -9.79 3.40 8.91
C ALA A 60 -11.21 3.93 9.12
N ASP A 61 -12.16 3.04 9.44
CA ASP A 61 -13.52 3.48 9.75
C ASP A 61 -13.53 4.44 10.92
N TYR A 62 -12.80 4.09 11.96
CA TYR A 62 -12.69 4.94 13.14
C TYR A 62 -12.08 6.29 12.79
N VAL A 63 -10.96 6.26 12.05
CA VAL A 63 -10.28 7.49 11.65
C VAL A 63 -11.20 8.34 10.77
N THR A 64 -11.91 7.70 9.84
CA THR A 64 -12.85 8.39 8.97
C THR A 64 -13.93 9.09 9.79
N SER A 65 -14.41 8.44 10.86
CA SER A 65 -15.46 9.06 11.68
C SER A 65 -14.98 10.32 12.39
N LEU A 66 -13.68 10.49 12.58
CA LEU A 66 -13.12 11.69 13.20
C LEU A 66 -12.72 12.77 12.21
N LEU A 67 -12.73 12.47 10.92
CA LEU A 67 -12.20 13.38 9.91
C LEU A 67 -13.06 14.64 9.79
N GLN A 68 -12.43 15.80 9.83
CA GLN A 68 -13.12 17.07 9.72
C GLN A 68 -13.18 17.52 8.27
N PRO A 69 -14.03 18.49 7.94
CA PRO A 69 -14.10 18.95 6.54
C PRO A 69 -12.77 19.40 5.96
N ASP A 70 -11.84 19.95 6.74
CA ASP A 70 -10.59 20.38 6.14
C ASP A 70 -9.58 19.25 5.95
N GLY A 71 -9.92 18.02 6.29
CA GLY A 71 -9.03 16.87 6.16
C GLY A 71 -8.09 16.65 7.33
N ASP A 72 -8.26 17.36 8.42
CA ASP A 72 -7.46 17.19 9.61
C ASP A 72 -8.24 16.35 10.62
N ILE A 73 -7.53 15.83 11.61
CA ILE A 73 -8.12 15.21 12.79
C ILE A 73 -7.56 15.99 13.98
N PRO A 74 -8.16 17.14 14.29
CA PRO A 74 -7.59 17.99 15.35
C PRO A 74 -7.87 17.46 16.75
N GLN A 75 -8.83 16.56 16.88
CA GLN A 75 -9.22 15.98 18.15
C GLN A 75 -9.63 14.54 17.91
N PRO A 76 -9.48 13.67 18.92
CA PRO A 76 -8.96 13.94 20.25
C PRO A 76 -7.44 13.86 20.32
N ARG A 77 -6.82 14.91 20.84
CA ARG A 77 -5.39 14.99 21.06
C ARG A 77 -5.14 15.51 22.47
N GLU A 78 -4.20 14.88 23.19
CA GLU A 78 -3.84 15.33 24.52
C GLU A 78 -2.35 15.54 24.72
N GLU A 79 -1.50 14.71 24.11
CA GLU A 79 -0.06 14.82 24.30
C GLU A 79 0.49 16.06 23.60
N ARG A 80 1.23 16.90 24.35
CA ARG A 80 1.75 18.16 23.83
CA ARG A 80 1.68 18.16 23.79
C ARG A 80 2.57 17.97 22.56
N TYR A 81 3.30 16.84 22.46
CA TYR A 81 4.12 16.61 21.28
C TYR A 81 3.26 16.50 20.03
N PHE A 82 1.99 16.17 20.17
CA PHE A 82 1.05 16.08 19.06
C PHE A 82 0.22 17.36 18.92
N LEU A 83 0.63 18.42 19.61
CA LEU A 83 0.00 19.73 19.51
C LEU A 83 0.94 20.79 18.98
N ASP A 84 2.11 20.98 19.60
CA ASP A 84 3.03 22.03 19.14
C ASP A 84 4.47 21.57 18.89
N VAL A 85 4.79 20.29 19.01
CA VAL A 85 6.13 19.82 18.65
C VAL A 85 6.16 19.18 17.26
N HIS A 86 5.30 18.18 17.05
CA HIS A 86 5.10 17.62 15.71
C HIS A 86 3.64 17.15 15.57
N TYR A 87 2.76 18.14 15.44
CA TYR A 87 1.33 17.90 15.21
C TYR A 87 1.08 16.90 14.08
N LEU A 88 1.71 17.12 12.92
CA LEU A 88 1.46 16.31 11.72
C LEU A 88 2.02 14.91 11.84
N TYR A 89 2.70 14.58 12.93
CA TYR A 89 3.24 13.23 13.06
C TYR A 89 2.11 12.20 13.00
N ALA A 90 0.98 12.50 13.66
CA ALA A 90 -0.18 11.61 13.52
C ALA A 90 -0.66 11.57 12.07
N ASN A 91 -0.88 12.74 11.46
CA ASN A 91 -1.50 12.80 10.14
C ASN A 91 -0.68 12.02 9.11
N GLY A 92 0.64 11.98 9.26
CA GLY A 92 1.49 11.37 8.25
C GLY A 92 1.28 9.88 8.17
N TYR A 93 1.34 9.20 9.33
CA TYR A 93 1.06 7.76 9.33
C TYR A 93 -0.39 7.49 8.91
N LEU A 94 -1.32 8.34 9.31
CA LEU A 94 -2.71 8.14 8.89
C LEU A 94 -2.83 8.19 7.37
N THR A 95 -2.13 9.13 6.72
CA THR A 95 -2.20 9.22 5.26
C THR A 95 -1.65 7.96 4.60
N ILE A 96 -0.50 7.49 5.04
CA ILE A 96 0.12 6.29 4.45
C ILE A 96 -0.78 5.08 4.64
N GLY A 97 -1.29 4.90 5.88
CA GLY A 97 -2.13 3.74 6.15
C GLY A 97 -3.43 3.74 5.37
N ALA A 98 -4.06 4.91 5.23
CA ALA A 98 -5.26 5.01 4.40
C ALA A 98 -4.96 4.69 2.95
N HIS A 99 -3.82 5.16 2.45
CA HIS A 99 -3.55 5.02 1.03
C HIS A 99 -3.22 3.59 0.66
N VAL A 100 -2.39 2.92 1.45
CA VAL A 100 -2.05 1.54 1.11
C VAL A 100 -3.28 0.63 1.24
N LEU A 101 -4.26 1.01 2.05
CA LEU A 101 -5.53 0.27 2.13
C LEU A 101 -6.46 0.56 0.96
N GLY A 102 -6.10 1.45 0.04
CA GLY A 102 -7.01 1.84 -1.00
C GLY A 102 -8.12 2.77 -0.57
N ARG A 103 -8.04 3.35 0.64
CA ARG A 103 -9.02 4.34 1.08
C ARG A 103 -8.66 5.70 0.50
N PHE A 104 -8.86 5.82 -0.81
CA PHE A 104 -8.26 6.93 -1.55
C PHE A 104 -8.90 8.27 -1.21
N GLY A 105 -10.18 8.29 -0.88
CA GLY A 105 -10.78 9.54 -0.42
C GLY A 105 -10.20 9.99 0.91
N LEU A 106 -10.03 9.07 1.84
CA LEU A 106 -9.42 9.41 3.12
C LEU A 106 -7.99 9.90 2.93
N SER A 107 -7.19 9.17 2.16
CA SER A 107 -5.81 9.59 1.97
C SER A 107 -5.71 10.89 1.17
N ARG A 108 -6.57 11.09 0.17
CA ARG A 108 -6.55 12.38 -0.53
C ARG A 108 -6.86 13.53 0.43
N LYS A 109 -7.89 13.38 1.26
CA LYS A 109 -8.24 14.49 2.15
C LYS A 109 -7.18 14.71 3.20
N LEU A 110 -6.64 13.62 3.78
CA LEU A 110 -5.61 13.74 4.80
C LEU A 110 -4.38 14.43 4.22
N MET A 111 -3.91 13.96 3.06
CA MET A 111 -2.71 14.52 2.44
C MET A 111 -2.90 15.97 2.04
N SER A 112 -4.06 16.32 1.51
CA SER A 112 -4.31 17.71 1.14
C SER A 112 -4.27 18.63 2.36
N PHE A 113 -4.76 18.17 3.51
CA PHE A 113 -4.61 19.02 4.70
C PHE A 113 -3.14 19.14 5.09
N VAL A 114 -2.41 18.03 5.02
CA VAL A 114 -0.98 18.08 5.33
C VAL A 114 -0.28 19.12 4.47
N GLU A 115 -0.65 19.20 3.19
CA GLU A 115 -0.01 20.16 2.31
C GLU A 115 -0.38 21.60 2.63
N THR A 116 -1.52 21.88 3.31
CA THR A 116 -1.77 23.26 3.70
C THR A 116 -0.85 23.72 4.83
N MET A 117 -0.19 22.80 5.54
CA MET A 117 0.74 23.19 6.58
C MET A 117 2.21 23.19 6.08
N ARG A 118 2.41 23.03 4.78
CA ARG A 118 3.76 23.12 4.20
C ARG A 118 4.17 24.58 4.05
N ASN A 119 5.38 24.91 4.46
CA ASN A 119 5.97 26.23 4.22
C ASN A 119 6.45 26.28 2.77
N PRO A 120 5.82 27.07 1.90
CA PRO A 120 6.21 27.04 0.49
C PRO A 120 7.58 27.66 0.24
N ALA A 121 8.12 28.43 1.16
CA ALA A 121 9.45 29.00 0.97
C ALA A 121 10.58 28.04 1.36
N THR A 122 10.35 27.19 2.36
CA THR A 122 11.40 26.29 2.85
C THR A 122 11.13 24.82 2.59
N GLY A 123 9.90 24.44 2.24
CA GLY A 123 9.52 23.04 2.14
C GLY A 123 9.30 22.32 3.46
N GLY A 124 9.57 22.96 4.60
CA GLY A 124 9.29 22.35 5.88
C GLY A 124 7.81 22.29 6.18
N PHE A 125 7.46 21.49 7.17
CA PHE A 125 6.08 21.40 7.62
C PHE A 125 5.94 21.95 9.02
N ARG A 126 4.90 22.75 9.22
CA ARG A 126 4.70 23.47 10.47
C ARG A 126 4.51 22.51 11.64
N SER A 127 5.12 22.87 12.78
CA SER A 127 5.14 22.05 13.99
C SER A 127 3.83 22.08 14.75
N HIS A 128 3.09 23.19 14.71
CA HIS A 128 1.91 23.37 15.54
C HIS A 128 0.66 23.39 14.66
N GLY A 129 -0.41 22.75 15.13
CA GLY A 129 -1.62 22.61 14.36
C GLY A 129 -2.40 23.91 14.23
N PRO A 130 -3.45 23.90 13.38
CA PRO A 130 -4.22 25.14 13.15
C PRO A 130 -4.78 25.77 14.41
N ALA A 131 -5.21 24.96 15.37
CA ALA A 131 -5.82 25.50 16.58
C ALA A 131 -4.80 25.85 17.65
N ILE A 132 -3.52 25.62 17.41
CA ILE A 132 -2.47 25.76 18.41
C ILE A 132 -1.66 27.01 18.07
N PRO A 133 -1.63 28.02 18.95
CA PRO A 133 -0.81 29.20 18.68
C PRO A 133 0.67 28.83 18.53
N GLY A 134 1.32 29.41 17.54
CA GLY A 134 2.75 29.18 17.35
C GLY A 134 3.33 30.19 16.38
N ASP A 135 4.64 30.07 16.16
CA ASP A 135 5.41 31.06 15.41
C ASP A 135 5.78 30.60 14.00
N GLY A 136 5.16 29.53 13.49
CA GLY A 136 5.49 29.02 12.18
C GLY A 136 6.72 28.14 12.10
N ARG A 137 7.32 27.76 13.23
CA ARG A 137 8.48 26.89 13.19
C ARG A 137 8.14 25.55 12.53
N CYS A 138 9.17 24.90 11.95
CA CYS A 138 9.05 23.64 11.22
C CYS A 138 10.11 22.69 11.76
N ASP A 139 9.80 21.42 11.92
CA ASP A 139 10.74 20.48 12.55
C ASP A 139 11.00 19.30 11.63
N SER A 140 12.06 18.55 11.95
CA SER A 140 12.50 17.47 11.06
C SER A 140 11.50 16.32 11.02
N VAL A 141 10.76 16.09 12.11
CA VAL A 141 9.87 14.93 12.17
C VAL A 141 8.59 15.20 11.41
N SER A 142 7.92 16.33 11.68
CA SER A 142 6.79 16.75 10.85
C SER A 142 7.16 16.71 9.37
N THR A 143 8.34 17.21 9.03
CA THR A 143 8.70 17.31 7.61
C THR A 143 8.98 15.93 7.01
N SER A 144 9.67 15.08 7.79
CA SER A 144 10.02 13.72 7.35
C SER A 144 8.78 12.86 7.09
N ILE A 145 7.88 12.77 8.09
CA ILE A 145 6.69 11.94 7.91
C ILE A 145 5.79 12.52 6.83
N SER A 146 5.75 13.85 6.69
CA SER A 146 4.90 14.45 5.65
C SER A 146 5.47 14.12 4.27
N GLY A 147 6.80 14.15 4.14
CA GLY A 147 7.41 13.76 2.88
C GLY A 147 7.17 12.30 2.55
N LEU A 148 7.27 11.44 3.56
CA LEU A 148 6.99 10.02 3.34
C LEU A 148 5.56 9.80 2.91
N ALA A 149 4.60 10.50 3.55
CA ALA A 149 3.20 10.39 3.12
C ALA A 149 3.03 10.89 1.70
N ALA A 150 3.77 11.95 1.33
CA ALA A 150 3.73 12.43 -0.04
C ALA A 150 4.23 11.36 -1.01
N LEU A 151 5.28 10.63 -0.64
CA LEU A 151 5.77 9.56 -1.50
C LEU A 151 4.71 8.48 -1.71
N TYR A 152 4.08 8.02 -0.62
CA TYR A 152 3.07 6.98 -0.77
C TYR A 152 1.90 7.44 -1.64
N THR A 153 1.57 8.73 -1.61
CA THR A 153 0.44 9.22 -2.38
C THR A 153 0.85 9.76 -3.74
N GLY A 154 2.12 9.65 -4.10
CA GLY A 154 2.54 10.09 -5.41
C GLY A 154 2.78 11.57 -5.56
N ARG A 155 2.82 12.32 -4.47
CA ARG A 155 3.09 13.76 -4.52
C ARG A 155 4.60 13.99 -4.35
N VAL A 156 5.33 13.55 -5.37
CA VAL A 156 6.78 13.43 -5.25
C VAL A 156 7.44 14.81 -5.15
N ASP A 157 6.88 15.82 -5.83
CA ASP A 157 7.44 17.17 -5.72
C ASP A 157 7.34 17.67 -4.28
N THR A 158 6.25 17.33 -3.58
CA THR A 158 6.19 17.71 -2.18
C THR A 158 7.23 16.97 -1.36
N ALA A 159 7.46 15.69 -1.67
CA ALA A 159 8.53 14.95 -1.02
C ALA A 159 9.90 15.57 -1.29
N ARG A 160 10.19 15.90 -2.55
CA ARG A 160 11.50 16.51 -2.84
C ARG A 160 11.70 17.80 -2.06
N SER A 161 10.64 18.61 -1.94
CA SER A 161 10.73 19.87 -1.22
C SER A 161 10.95 19.65 0.29
N ALA A 162 10.33 18.61 0.85
CA ALA A 162 10.65 18.22 2.23
C ALA A 162 12.13 17.89 2.38
N ALA A 163 12.70 17.16 1.41
CA ALA A 163 14.10 16.81 1.48
C ALA A 163 14.98 18.05 1.41
N ASP A 164 14.59 19.05 0.61
CA ASP A 164 15.34 20.30 0.59
C ASP A 164 15.41 20.92 1.98
N PHE A 165 14.27 20.95 2.66
CA PHE A 165 14.24 21.46 4.02
C PHE A 165 15.18 20.68 4.91
N LEU A 166 15.16 19.35 4.82
CA LEU A 166 16.01 18.56 5.70
C LEU A 166 17.47 18.82 5.41
N GLY A 167 17.81 19.05 4.13
CA GLY A 167 19.18 19.40 3.80
C GLY A 167 19.61 20.74 4.37
N SER A 168 18.71 21.73 4.33
CA SER A 168 19.03 23.02 4.93
C SER A 168 19.19 22.90 6.44
N LEU A 169 18.32 22.13 7.09
CA LEU A 169 18.43 21.94 8.53
C LEU A 169 19.76 21.29 8.89
N TRP A 170 20.17 20.28 8.12
CA TRP A 170 21.43 19.59 8.40
C TRP A 170 22.61 20.52 8.20
N VAL A 171 22.63 21.21 7.06
CA VAL A 171 23.75 22.09 6.72
C VAL A 171 23.88 23.23 7.72
N GLY A 172 22.75 23.76 8.18
CA GLY A 172 22.66 24.86 9.11
C GLY A 172 22.97 24.58 10.56
N GLN A 173 23.28 23.33 10.93
CA GLN A 173 23.54 23.02 12.34
C GLN A 173 24.71 23.87 12.85
N PRO A 174 24.54 24.61 13.93
CA PRO A 174 25.67 25.39 14.47
C PRO A 174 26.69 24.60 15.26
N ASP A 175 26.31 23.47 15.85
CA ASP A 175 27.23 22.71 16.72
C ASP A 175 26.88 21.21 16.73
N ARG A 176 26.98 20.57 15.55
CA ARG A 176 26.38 19.25 15.36
C ARG A 176 27.05 18.18 16.22
N LYS A 177 28.29 18.43 16.64
CA LYS A 177 29.01 17.46 17.46
C LYS A 177 28.42 17.35 18.85
N ASN A 178 27.71 18.36 19.30
CA ASN A 178 27.14 18.37 20.63
C ASN A 178 25.62 18.36 20.66
N VAL A 179 24.96 19.00 19.70
CA VAL A 179 23.51 19.13 19.71
CA VAL A 179 23.51 19.11 19.70
C VAL A 179 22.98 18.98 18.29
N PHE A 180 21.83 18.34 18.16
CA PHE A 180 21.11 18.36 16.88
C PHE A 180 19.84 19.17 17.12
N HIS A 181 19.80 20.37 16.56
CA HIS A 181 18.63 21.24 16.69
C HIS A 181 17.67 20.85 15.58
N ALA A 182 16.51 20.28 15.97
CA ALA A 182 15.64 19.62 15.02
C ALA A 182 14.61 20.56 14.39
N VAL A 183 14.67 21.86 14.67
CA VAL A 183 13.61 22.79 14.32
C VAL A 183 14.21 24.00 13.63
N ALA A 184 13.47 24.57 12.69
CA ALA A 184 13.87 25.82 12.06
C ALA A 184 12.72 26.81 12.16
N ASP A 185 13.04 28.11 12.06
CA ASP A 185 11.98 29.10 12.03
C ASP A 185 11.33 29.12 10.64
N ALA A 186 10.31 29.97 10.49
CA ALA A 186 9.54 30.03 9.25
C ALA A 186 10.36 30.49 8.05
N SER A 187 11.56 31.04 8.25
CA SER A 187 12.44 31.37 7.14
C SER A 187 13.46 30.26 6.89
N GLY A 188 13.46 29.20 7.69
CA GLY A 188 14.40 28.10 7.51
C GLY A 188 15.67 28.18 8.30
N ALA A 189 15.88 29.23 9.09
CA ALA A 189 17.03 29.28 9.98
C ALA A 189 16.87 28.30 11.16
N VAL A 190 17.96 27.64 11.54
CA VAL A 190 17.91 26.65 12.61
C VAL A 190 17.62 27.35 13.93
N LEU A 191 16.66 26.80 14.68
CA LEU A 191 16.21 27.37 15.95
C LEU A 191 17.01 26.80 17.11
N THR A 192 17.63 27.68 17.90
CA THR A 192 18.45 27.24 19.02
C THR A 192 17.87 27.63 20.37
N SER A 193 16.69 28.24 20.41
CA SER A 193 16.07 28.57 21.68
C SER A 193 15.76 27.32 22.50
N ASP A 194 15.63 27.52 23.82
CA ASP A 194 15.44 26.40 24.72
C ASP A 194 14.10 25.71 24.51
N ASP A 195 13.13 26.39 23.90
CA ASP A 195 11.83 25.79 23.67
C ASP A 195 11.76 25.03 22.35
N ALA A 196 12.89 24.81 21.69
CA ALA A 196 12.95 24.09 20.42
C ALA A 196 13.67 22.77 20.63
N VAL A 197 13.09 21.69 20.09
CA VAL A 197 13.63 20.33 20.24
C VAL A 197 15.10 20.31 19.85
N ALA A 198 15.94 19.84 20.76
CA ALA A 198 17.37 19.71 20.54
C ALA A 198 17.83 18.36 21.09
N VAL A 199 18.40 17.52 20.24
CA VAL A 199 18.92 16.23 20.68
C VAL A 199 20.32 16.45 21.24
N GLN A 200 20.55 16.05 22.48
CA GLN A 200 21.88 16.05 23.10
C GLN A 200 22.63 14.82 22.62
N VAL A 201 23.37 14.96 21.53
CA VAL A 201 23.82 13.78 20.81
C VAL A 201 24.97 13.05 21.50
N ARG A 202 25.62 13.67 22.50
CA ARG A 202 26.63 12.98 23.30
C ARG A 202 26.10 12.49 24.64
N LYS A 203 24.79 12.44 24.79
CA LYS A 203 24.16 11.96 26.00
C LYS A 203 23.18 10.86 25.66
N ALA A 204 22.87 10.03 26.66
CA ALA A 204 21.91 8.95 26.49
C ALA A 204 20.53 9.43 26.94
N GLU A 205 19.97 10.37 26.16
CA GLU A 205 18.75 11.05 26.59
C GLU A 205 17.65 11.03 25.53
N GLY A 206 17.69 10.09 24.59
CA GLY A 206 16.54 9.87 23.71
C GLY A 206 16.44 10.90 22.59
N ASP A 207 15.24 10.98 22.00
CA ASP A 207 14.88 11.91 20.93
C ASP A 207 15.59 11.61 19.62
N TRP A 208 16.15 10.41 19.47
CA TRP A 208 16.95 10.10 18.29
C TRP A 208 16.13 10.08 17.00
N TYR A 209 14.82 9.85 17.09
CA TYR A 209 14.02 9.78 15.88
C TYR A 209 13.91 11.12 15.15
N PHE A 210 14.28 12.23 15.80
CA PHE A 210 14.37 13.49 15.04
C PHE A 210 15.52 13.45 14.02
N ILE A 211 16.43 12.49 14.15
CA ILE A 211 17.44 12.23 13.14
C ILE A 211 17.13 10.98 12.33
N GLY A 212 16.66 9.91 13.01
CA GLY A 212 16.44 8.64 12.34
C GLY A 212 15.30 8.67 11.34
N LEU A 213 14.19 9.37 11.66
CA LEU A 213 13.08 9.40 10.70
C LEU A 213 13.47 10.13 9.42
N PRO A 214 14.16 11.27 9.51
CA PRO A 214 14.72 11.85 8.27
C PRO A 214 15.56 10.88 7.48
N ALA A 215 16.44 10.11 8.13
CA ALA A 215 17.28 9.13 7.41
C ALA A 215 16.43 8.14 6.63
N PHE A 216 15.36 7.65 7.26
CA PHE A 216 14.48 6.69 6.59
C PHE A 216 13.77 7.34 5.41
N PHE A 217 13.12 8.48 5.64
CA PHE A 217 12.42 9.15 4.55
C PHE A 217 13.35 9.45 3.36
N LEU A 218 14.53 10.01 3.64
CA LEU A 218 15.44 10.36 2.54
C LEU A 218 15.87 9.12 1.78
N THR A 219 16.01 7.99 2.46
CA THR A 219 16.39 6.77 1.75
C THR A 219 15.27 6.31 0.83
N ALA A 220 14.03 6.36 1.32
CA ALA A 220 12.87 6.02 0.48
C ALA A 220 12.74 6.98 -0.69
N LEU A 221 13.04 8.27 -0.46
CA LEU A 221 12.97 9.23 -1.55
C LEU A 221 14.04 8.96 -2.59
N TYR A 222 15.23 8.55 -2.14
CA TYR A 222 16.24 8.09 -3.10
C TYR A 222 15.73 6.92 -3.94
N GLU A 223 15.16 5.92 -3.28
CA GLU A 223 14.63 4.78 -4.03
C GLU A 223 13.58 5.22 -5.05
N ALA A 224 12.72 6.19 -4.70
CA ALA A 224 11.68 6.65 -5.63
C ALA A 224 12.25 7.40 -6.82
N THR A 225 13.32 8.19 -6.61
CA THR A 225 13.80 9.13 -7.62
C THR A 225 15.14 8.76 -8.22
N GLU A 226 15.96 7.99 -7.52
CA GLU A 226 17.34 7.71 -7.88
C GLU A 226 18.20 8.97 -7.90
N ASP A 227 17.75 10.03 -7.23
CA ASP A 227 18.58 11.23 -7.06
C ASP A 227 19.54 10.99 -5.89
N ARG A 228 20.83 10.88 -6.21
CA ARG A 228 21.80 10.54 -5.18
C ARG A 228 21.99 11.63 -4.14
N ALA A 229 21.61 12.88 -4.40
CA ALA A 229 21.65 13.88 -3.33
C ALA A 229 20.91 13.38 -2.09
N TYR A 230 19.78 12.69 -2.27
CA TYR A 230 19.02 12.18 -1.13
C TYR A 230 19.73 10.99 -0.48
N LEU A 231 20.32 10.12 -1.30
CA LEU A 231 21.09 9.02 -0.71
C LEU A 231 22.27 9.56 0.10
N ASP A 232 22.94 10.60 -0.43
CA ASP A 232 24.08 11.21 0.26
C ASP A 232 23.69 11.75 1.64
N LEU A 233 22.58 12.48 1.71
CA LEU A 233 22.17 13.02 3.01
C LEU A 233 21.77 11.90 3.97
N ALA A 234 21.01 10.91 3.48
CA ALA A 234 20.71 9.74 4.32
C ALA A 234 21.98 9.10 4.85
N THR A 235 22.98 8.93 3.97
CA THR A 235 24.24 8.32 4.38
C THR A 235 24.94 9.16 5.46
N ASP A 236 24.92 10.48 5.32
CA ASP A 236 25.58 11.33 6.30
C ASP A 236 24.87 11.28 7.64
N LEU A 237 23.53 11.20 7.64
CA LEU A 237 22.82 11.08 8.91
C LEU A 237 23.09 9.74 9.60
N MET A 238 23.15 8.65 8.83
CA MET A 238 23.46 7.36 9.44
CA MET A 238 23.46 7.36 9.43
C MET A 238 24.90 7.32 9.96
N THR A 239 25.83 7.94 9.24
CA THR A 239 27.20 8.04 9.72
C THR A 239 27.25 8.83 11.03
N TYR A 240 26.51 9.94 11.06
CA TYR A 240 26.39 10.76 12.25
C TYR A 240 25.89 9.97 13.45
N MET A 241 24.77 9.25 13.28
CA MET A 241 24.23 8.48 14.40
C MET A 241 25.19 7.38 14.83
N ASP A 242 25.89 6.76 13.88
CA ASP A 242 26.75 5.63 14.22
C ASP A 242 28.04 6.10 14.88
N GLU A 243 28.61 7.22 14.42
CA GLU A 243 29.96 7.59 14.83
C GLU A 243 30.05 8.79 15.76
N ASP A 244 29.15 9.75 15.64
CA ASP A 244 29.22 10.97 16.45
C ASP A 244 28.20 10.98 17.58
N CYS A 245 27.20 10.13 17.54
CA CYS A 245 26.14 10.13 18.53
C CYS A 245 26.42 9.07 19.58
N ASP A 246 25.88 9.33 20.76
CA ASP A 246 25.94 8.34 21.83
C ASP A 246 25.36 7.02 21.34
N GLU A 247 25.86 5.92 21.93
CA GLU A 247 25.35 4.59 21.60
C GLU A 247 23.87 4.46 21.90
N ASP A 248 23.33 5.31 22.77
CA ASP A 248 21.89 5.32 23.03
C ASP A 248 21.07 5.55 21.75
N ALA A 249 21.70 6.09 20.69
CA ALA A 249 20.99 6.31 19.42
C ALA A 249 20.45 5.00 18.85
N PHE A 250 21.12 3.89 19.09
CA PHE A 250 20.65 2.58 18.62
C PHE A 250 20.14 1.72 19.77
N VAL A 251 19.76 2.33 20.90
CA VAL A 251 19.27 1.57 22.06
C VAL A 251 17.96 2.15 22.60
N ASP A 252 17.83 3.48 22.61
CA ASP A 252 16.62 4.15 23.06
C ASP A 252 15.37 3.61 22.34
N SER A 253 14.20 3.73 22.97
CA SER A 253 12.96 3.27 22.36
C SER A 253 12.69 3.89 20.99
N SER A 254 13.26 5.07 20.70
CA SER A 254 13.02 5.73 19.42
C SER A 254 13.98 5.28 18.31
N CYS A 255 14.77 4.22 18.54
CA CYS A 255 15.80 3.85 17.57
C CYS A 255 15.26 3.06 16.39
N GLY A 256 13.99 2.70 16.38
CA GLY A 256 13.45 1.88 15.32
C GLY A 256 13.50 2.58 13.97
N LYS A 257 13.37 3.90 13.98
CA LYS A 257 13.39 4.67 12.73
C LYS A 257 14.75 4.48 12.05
N ALA A 258 15.81 4.63 12.84
CA ALA A 258 17.18 4.40 12.35
C ALA A 258 17.38 2.96 11.88
N GLY A 259 16.82 2.00 12.63
CA GLY A 259 16.92 0.61 12.22
C GLY A 259 16.28 0.36 10.86
N VAL A 260 15.11 0.94 10.63
CA VAL A 260 14.45 0.80 9.32
C VAL A 260 15.30 1.48 8.24
N ALA A 261 15.82 2.67 8.52
CA ALA A 261 16.66 3.35 7.54
C ALA A 261 17.88 2.49 7.21
N ALA A 262 18.49 1.88 8.24
CA ALA A 262 19.66 1.03 8.01
C ALA A 262 19.31 -0.21 7.21
N ALA A 263 18.16 -0.84 7.50
CA ALA A 263 17.73 -2.01 6.73
C ALA A 263 17.53 -1.65 5.26
N LEU A 264 16.87 -0.51 5.01
CA LEU A 264 16.65 -0.08 3.64
C LEU A 264 17.97 0.26 2.95
N LEU A 265 18.85 1.01 3.65
CA LEU A 265 20.16 1.33 3.08
C LEU A 265 20.96 0.07 2.77
N TYR A 266 20.83 -0.96 3.60
CA TYR A 266 21.47 -2.23 3.29
C TYR A 266 20.93 -2.85 2.01
N ARG A 267 19.60 -2.87 1.84
CA ARG A 267 19.07 -3.41 0.59
C ARG A 267 19.58 -2.59 -0.61
N LEU A 268 19.68 -1.28 -0.44
CA LEU A 268 20.05 -0.45 -1.59
C LEU A 268 21.55 -0.46 -1.87
N THR A 269 22.41 -0.56 -0.83
CA THR A 269 23.86 -0.43 -1.01
C THR A 269 24.66 -1.69 -0.70
N GLY A 270 24.11 -2.63 0.07
CA GLY A 270 24.85 -3.79 0.50
C GLY A 270 25.92 -3.55 1.55
N ARG A 271 26.03 -2.34 2.10
CA ARG A 271 27.07 -2.11 3.12
C ARG A 271 26.78 -2.92 4.37
N PRO A 272 27.71 -3.77 4.81
CA PRO A 272 27.41 -4.65 5.94
C PRO A 272 27.15 -3.92 7.24
N ARG A 273 27.72 -2.73 7.44
CA ARG A 273 27.43 -2.01 8.67
C ARG A 273 25.93 -1.70 8.81
N TYR A 274 25.25 -1.43 7.69
CA TYR A 274 23.81 -1.16 7.75
C TYR A 274 23.04 -2.39 8.20
N ARG A 275 23.41 -3.57 7.70
CA ARG A 275 22.77 -4.78 8.17
C ARG A 275 22.98 -5.00 9.65
N GLU A 276 24.18 -4.71 10.14
CA GLU A 276 24.46 -4.89 11.57
C GLU A 276 23.61 -3.95 12.42
N ILE A 277 23.51 -2.69 12.01
CA ILE A 277 22.69 -1.75 12.77
C ILE A 277 21.24 -2.21 12.79
N ALA A 278 20.71 -2.57 11.62
CA ALA A 278 19.33 -3.01 11.51
C ALA A 278 19.11 -4.29 12.31
N GLU A 279 20.01 -5.26 12.19
CA GLU A 279 19.87 -6.50 12.98
C GLU A 279 19.92 -6.21 14.47
N GLY A 280 20.89 -5.38 14.89
CA GLY A 280 21.05 -5.09 16.31
C GLY A 280 19.80 -4.45 16.89
N ILE A 281 19.23 -3.51 16.15
CA ILE A 281 18.06 -2.81 16.66
C ILE A 281 16.83 -3.74 16.64
N GLY A 282 16.67 -4.50 15.57
CA GLY A 282 15.51 -5.40 15.50
C GLY A 282 15.56 -6.47 16.58
N THR A 283 16.74 -7.02 16.83
CA THR A 283 16.91 -8.00 17.89
C THR A 283 16.61 -7.38 19.26
N LEU A 284 17.04 -6.14 19.48
CA LEU A 284 16.78 -5.46 20.73
C LEU A 284 15.28 -5.30 20.98
N LEU A 285 14.55 -4.86 19.96
CA LEU A 285 13.11 -4.70 20.09
C LEU A 285 12.43 -6.04 20.34
N CYS A 286 12.84 -7.08 19.61
CA CYS A 286 12.26 -8.39 19.83
C CYS A 286 12.52 -8.88 21.26
N GLU A 287 13.69 -8.53 21.82
CA GLU A 287 13.99 -9.00 23.18
C GLU A 287 13.18 -8.26 24.24
N ARG A 288 12.74 -7.05 23.95
CA ARG A 288 11.96 -6.24 24.88
C ARG A 288 10.49 -6.57 24.85
N GLN A 289 10.04 -7.34 23.86
CA GLN A 289 8.62 -7.66 23.77
C GLN A 289 8.17 -8.45 24.99
N SER A 290 6.97 -8.12 25.50
CA SER A 290 6.39 -8.87 26.59
C SER A 290 6.08 -10.31 26.14
N PRO A 291 5.87 -11.23 27.08
CA PRO A 291 5.44 -12.58 26.70
C PRO A 291 4.10 -12.59 25.97
N TYR A 292 3.25 -11.60 26.23
CA TYR A 292 1.91 -11.59 25.66
C TYR A 292 1.86 -11.02 24.26
N GLY A 293 2.85 -10.19 23.88
CA GLY A 293 2.88 -9.62 22.55
C GLY A 293 3.02 -8.11 22.51
N TYR A 294 2.54 -7.41 23.52
CA TYR A 294 2.68 -5.97 23.52
C TYR A 294 4.10 -5.58 23.95
N TRP A 295 4.40 -4.30 23.77
CA TRP A 295 5.56 -3.64 24.33
C TRP A 295 5.08 -2.57 25.30
N SER A 296 5.80 -2.42 26.41
CA SER A 296 5.44 -1.46 27.44
C SER A 296 6.68 -1.08 28.23
N GLU A 297 6.76 0.20 28.64
CA GLU A 297 7.85 0.61 29.51
C GLU A 297 7.73 -0.02 30.89
N GLU A 298 6.52 -0.12 31.43
CA GLU A 298 6.30 -0.55 32.81
C GLU A 298 5.37 -1.76 32.96
N GLU A 299 4.42 -1.95 32.05
CA GLU A 299 3.40 -2.99 32.24
C GLU A 299 3.97 -4.39 32.08
N THR A 300 3.60 -5.32 32.98
CA THR A 300 4.04 -6.70 32.83
C THR A 300 2.93 -7.74 32.96
N GLY A 301 1.71 -7.34 33.21
CA GLY A 301 0.63 -8.30 33.32
C GLY A 301 -0.05 -8.61 31.99
N ASP A 302 -0.94 -9.60 32.06
CA ASP A 302 -1.76 -10.02 30.93
C ASP A 302 -2.95 -9.07 30.87
N VAL A 303 -2.72 -7.86 30.34
CA VAL A 303 -3.69 -6.77 30.42
C VAL A 303 -4.53 -6.70 29.15
N ALA A 304 -5.71 -6.11 29.27
CA ALA A 304 -6.65 -5.93 28.18
C ALA A 304 -6.49 -4.59 27.46
N ASP A 305 -5.72 -3.66 28.03
CA ASP A 305 -5.49 -2.36 27.38
C ASP A 305 -4.16 -1.79 27.85
N LEU A 306 -3.79 -0.68 27.25
CA LEU A 306 -2.50 -0.07 27.53
C LEU A 306 -2.65 1.45 27.53
N PHE A 307 -1.80 2.09 28.33
CA PHE A 307 -1.52 3.51 28.21
C PHE A 307 -1.20 3.83 26.75
N TRP A 308 -1.68 4.99 26.29
CA TRP A 308 -1.60 5.32 24.87
C TRP A 308 -0.18 5.22 24.32
N GLY A 309 0.82 5.57 25.13
CA GLY A 309 2.19 5.55 24.65
C GLY A 309 2.65 4.12 24.38
N ASP A 310 2.26 3.18 25.23
CA ASP A 310 2.61 1.78 25.02
C ASP A 310 1.87 1.19 23.83
N LEU A 311 0.61 1.58 23.63
CA LEU A 311 -0.15 1.12 22.47
C LEU A 311 0.47 1.63 21.16
N ASP A 312 0.79 2.92 21.11
CA ASP A 312 1.50 3.48 19.98
C ASP A 312 2.80 2.71 19.74
N MET A 313 3.57 2.46 20.81
CA MET A 313 4.87 1.81 20.63
C MET A 313 4.71 0.38 20.11
N THR A 314 3.67 -0.33 20.57
CA THR A 314 3.39 -1.68 20.11
C THR A 314 3.06 -1.71 18.61
N ALA A 315 2.13 -0.86 18.16
CA ALA A 315 1.91 -0.77 16.72
C ALA A 315 3.19 -0.36 15.99
N GLU A 316 3.93 0.61 16.54
CA GLU A 316 5.14 1.09 15.88
C GLU A 316 6.13 -0.04 15.65
N TYR A 317 6.33 -0.90 16.65
CA TYR A 317 7.29 -2.00 16.53
C TYR A 317 6.77 -3.10 15.60
N VAL A 318 5.45 -3.29 15.50
CA VAL A 318 4.92 -4.16 14.44
C VAL A 318 5.41 -3.68 13.09
N LEU A 319 5.32 -2.36 12.86
CA LEU A 319 5.72 -1.78 11.59
C LEU A 319 7.22 -1.89 11.37
N TRP A 320 8.02 -1.47 12.35
CA TRP A 320 9.47 -1.43 12.12
C TRP A 320 10.05 -2.84 12.01
N LEU A 321 9.56 -3.78 12.81
CA LEU A 321 10.06 -5.15 12.68
C LEU A 321 9.70 -5.74 11.34
N ASP A 322 8.49 -5.44 10.85
CA ASP A 322 8.16 -5.90 9.50
C ASP A 322 9.07 -5.25 8.46
N LEU A 323 9.26 -3.93 8.53
CA LEU A 323 10.08 -3.25 7.52
C LEU A 323 11.54 -3.67 7.59
N ILE A 324 12.08 -3.79 8.81
CA ILE A 324 13.46 -4.26 8.94
C ILE A 324 13.59 -5.65 8.35
N GLY A 325 12.64 -6.54 8.69
CA GLY A 325 12.75 -7.92 8.25
C GLY A 325 12.73 -8.07 6.74
N ARG A 326 11.84 -7.35 6.06
CA ARG A 326 11.76 -7.59 4.63
C ARG A 326 12.87 -6.89 3.87
N ASN A 327 13.39 -5.77 4.37
CA ASN A 327 14.54 -5.18 3.70
C ASN A 327 15.80 -5.98 3.98
N LEU A 328 15.93 -6.57 5.18
CA LEU A 328 17.08 -7.43 5.44
C LEU A 328 16.98 -8.72 4.64
N ALA A 329 15.78 -9.29 4.51
CA ALA A 329 15.66 -10.53 3.74
C ALA A 329 15.94 -10.29 2.26
N SER A 330 15.42 -9.21 1.69
CA SER A 330 15.75 -8.92 0.29
C SER A 330 17.20 -8.48 0.12
N GLY A 331 17.74 -7.74 1.10
CA GLY A 331 19.15 -7.36 1.03
C GLY A 331 20.05 -8.57 0.96
N GLU A 332 19.78 -9.59 1.78
CA GLU A 332 20.58 -10.81 1.72
CA GLU A 332 20.56 -10.82 1.72
C GLU A 332 20.46 -11.46 0.34
N ARG A 333 19.25 -11.53 -0.23
CA ARG A 333 19.08 -12.11 -1.56
C ARG A 333 19.90 -11.35 -2.61
N VAL A 334 19.89 -10.01 -2.55
CA VAL A 334 20.58 -9.19 -3.55
C VAL A 334 22.10 -9.24 -3.34
N TRP A 335 22.57 -9.15 -2.09
CA TRP A 335 23.97 -8.87 -1.81
C TRP A 335 24.77 -10.02 -1.22
N ALA A 336 24.13 -11.04 -0.65
CA ALA A 336 24.89 -11.98 0.16
C ALA A 336 25.20 -13.28 -0.59
N GLY B 3 -24.49 -16.95 3.23
CA GLY B 3 -23.13 -16.69 2.78
C GLY B 3 -22.11 -16.64 3.91
N ASN B 4 -20.84 -16.90 3.59
CA ASN B 4 -19.80 -16.87 4.62
C ASN B 4 -19.49 -15.44 5.04
N SER B 5 -18.95 -15.32 6.26
CA SER B 5 -18.68 -14.04 6.87
C SER B 5 -17.39 -13.44 6.30
N PRO B 6 -17.22 -12.12 6.43
CA PRO B 6 -15.95 -11.52 5.98
C PRO B 6 -14.71 -12.18 6.59
N HIS B 7 -14.82 -12.55 7.86
CA HIS B 7 -13.73 -13.24 8.54
C HIS B 7 -13.42 -14.59 7.90
N GLU B 8 -14.45 -15.32 7.46
CA GLU B 8 -14.21 -16.59 6.80
C GLU B 8 -13.58 -16.42 5.44
N LEU B 9 -14.00 -15.40 4.67
CA LEU B 9 -13.34 -15.12 3.40
C LEU B 9 -11.86 -14.86 3.62
N LYS B 10 -11.52 -14.13 4.67
CA LYS B 10 -10.12 -13.86 4.97
C LYS B 10 -9.39 -15.13 5.40
N ASN B 11 -10.04 -16.00 6.19
CA ASN B 11 -9.37 -17.24 6.56
C ASN B 11 -8.98 -18.03 5.32
N ALA B 12 -9.89 -18.10 4.33
CA ALA B 12 -9.61 -18.83 3.11
C ALA B 12 -8.46 -18.19 2.35
N ALA B 13 -8.43 -16.85 2.26
CA ALA B 13 -7.32 -16.16 1.61
C ALA B 13 -6.00 -16.49 2.30
N GLN B 14 -6.00 -16.56 3.64
CA GLN B 14 -4.75 -16.83 4.34
C GLN B 14 -4.23 -18.24 4.06
N ARG B 15 -5.15 -19.22 3.95
CA ARG B 15 -4.73 -20.59 3.63
CA ARG B 15 -4.73 -20.59 3.62
C ARG B 15 -4.00 -20.64 2.30
N ALA B 16 -4.54 -19.96 1.29
CA ALA B 16 -3.90 -19.97 -0.03
C ALA B 16 -2.58 -19.21 -0.03
N ALA B 17 -2.52 -18.08 0.68
CA ALA B 17 -1.27 -17.34 0.75
C ALA B 17 -0.17 -18.18 1.39
N ASP B 18 -0.50 -18.88 2.49
CA ASP B 18 0.44 -19.81 3.11
C ASP B 18 0.89 -20.89 2.13
N TRP B 19 -0.06 -21.41 1.34
CA TRP B 19 0.27 -22.43 0.34
C TRP B 19 1.29 -21.90 -0.66
N LEU B 20 1.07 -20.67 -1.15
CA LEU B 20 2.02 -20.09 -2.09
C LEU B 20 3.39 -19.91 -1.44
N VAL B 21 3.42 -19.42 -0.20
CA VAL B 21 4.69 -19.05 0.42
C VAL B 21 5.51 -20.30 0.70
N GLU B 22 4.85 -21.38 1.14
CA GLU B 22 5.54 -22.64 1.42
CA GLU B 22 5.54 -22.63 1.41
C GLU B 22 6.29 -23.16 0.20
N ARG B 23 5.82 -22.82 -1.00
CA ARG B 23 6.37 -23.36 -2.23
C ARG B 23 7.10 -22.30 -3.06
N GLN B 24 7.31 -21.12 -2.51
CA GLN B 24 8.03 -20.07 -3.21
C GLN B 24 9.47 -20.51 -3.47
N ARG B 25 9.98 -20.17 -4.64
CA ARG B 25 11.32 -20.54 -5.02
CA ARG B 25 11.32 -20.52 -5.06
C ARG B 25 12.35 -19.56 -4.45
N PRO B 26 13.63 -19.97 -4.40
CA PRO B 26 14.64 -19.09 -3.78
C PRO B 26 14.79 -17.75 -4.47
N ASN B 27 14.67 -17.70 -5.79
CA ASN B 27 14.75 -16.41 -6.47
C ASN B 27 13.49 -15.57 -6.23
N GLY B 28 12.49 -16.10 -5.53
CA GLY B 28 11.26 -15.38 -5.26
C GLY B 28 10.10 -15.70 -6.18
N ALA B 29 10.33 -16.41 -7.29
CA ALA B 29 9.24 -16.82 -8.16
C ALA B 29 8.27 -17.73 -7.41
N LEU B 30 6.99 -17.67 -7.79
CA LEU B 30 5.96 -18.53 -7.23
C LEU B 30 5.93 -19.87 -7.98
N PRO B 31 5.32 -20.95 -7.38
CA PRO B 31 5.53 -22.31 -7.94
C PRO B 31 4.73 -22.65 -9.21
N SER B 32 5.13 -22.08 -10.34
CA SER B 32 4.50 -22.31 -11.63
C SER B 32 5.24 -23.38 -12.42
N ARG B 33 4.49 -24.17 -13.19
CA ARG B 33 5.11 -25.16 -14.06
C ARG B 33 5.78 -24.53 -15.27
N THR B 34 5.52 -23.27 -15.58
CA THR B 34 6.31 -22.58 -16.61
C THR B 34 6.76 -21.24 -16.04
N ALA B 35 7.96 -20.82 -16.42
CA ALA B 35 8.50 -19.55 -15.94
C ALA B 35 7.96 -18.44 -16.84
N VAL B 36 6.78 -17.91 -16.48
CA VAL B 36 6.14 -16.81 -17.22
C VAL B 36 5.64 -15.76 -16.23
N ILE B 37 5.70 -14.49 -16.64
CA ILE B 37 5.25 -13.41 -15.77
C ILE B 37 3.74 -13.46 -15.52
N GLU B 38 2.97 -14.03 -16.44
CA GLU B 38 1.54 -14.17 -16.22
C GLU B 38 1.19 -15.20 -15.14
N SER B 39 2.20 -15.86 -14.56
CA SER B 39 1.96 -16.78 -13.47
C SER B 39 2.04 -16.12 -12.09
N CYS B 40 2.61 -14.92 -11.99
CA CYS B 40 2.91 -14.38 -10.67
C CYS B 40 2.74 -12.86 -10.61
N TYR B 41 2.10 -12.24 -11.61
CA TYR B 41 2.00 -10.79 -11.62
C TYR B 41 1.11 -10.25 -10.49
N LYS B 42 0.19 -11.05 -9.96
CA LYS B 42 -0.62 -10.62 -8.81
C LYS B 42 0.05 -10.94 -7.48
N GLY B 43 1.26 -11.52 -7.51
CA GLY B 43 1.83 -12.10 -6.31
C GLY B 43 2.26 -11.08 -5.28
N MET B 44 2.89 -9.98 -5.71
CA MET B 44 3.36 -8.98 -4.74
C MET B 44 2.18 -8.42 -3.95
N TRP B 45 1.15 -7.97 -4.64
CA TRP B 45 -0.01 -7.39 -3.98
C TRP B 45 -0.73 -8.43 -3.14
N ALA B 46 -0.95 -9.62 -3.69
CA ALA B 46 -1.71 -10.65 -2.98
C ALA B 46 -0.99 -11.06 -1.69
N LEU B 47 0.32 -11.33 -1.78
CA LEU B 47 1.04 -11.77 -0.59
C LEU B 47 1.19 -10.64 0.43
N HIS B 48 1.23 -9.41 -0.03
CA HIS B 48 1.32 -8.32 0.93
C HIS B 48 0.01 -8.20 1.71
N THR B 49 -1.16 -8.30 1.04
CA THR B 49 -2.40 -8.21 1.80
C THR B 49 -2.53 -9.35 2.82
N ALA B 50 -1.90 -10.48 2.55
CA ALA B 50 -1.92 -11.56 3.53
C ALA B 50 -0.88 -11.37 4.62
N GLY B 51 -0.14 -10.26 4.63
CA GLY B 51 0.89 -10.04 5.61
C GLY B 51 2.19 -10.80 5.40
N HIS B 52 2.30 -11.53 4.30
CA HIS B 52 3.54 -12.22 3.92
C HIS B 52 4.48 -11.25 3.19
N THR B 53 4.97 -10.25 3.94
CA THR B 53 5.71 -9.18 3.27
C THR B 53 7.11 -9.60 2.85
N GLN B 54 7.73 -10.57 3.53
CA GLN B 54 9.03 -11.01 3.03
C GLN B 54 8.86 -11.80 1.76
N ALA B 55 7.82 -12.63 1.69
CA ALA B 55 7.52 -13.34 0.44
C ALA B 55 7.15 -12.36 -0.67
N ALA B 56 6.36 -11.33 -0.35
CA ALA B 56 5.97 -10.33 -1.35
C ALA B 56 7.20 -9.59 -1.86
N SER B 57 8.12 -9.23 -0.96
CA SER B 57 9.38 -8.58 -1.35
C SER B 57 10.24 -9.48 -2.20
N ALA B 58 10.22 -10.78 -1.94
CA ALA B 58 10.96 -11.71 -2.78
C ALA B 58 10.39 -11.74 -4.20
N VAL B 59 9.06 -11.72 -4.36
CA VAL B 59 8.48 -11.55 -5.69
C VAL B 59 8.96 -10.24 -6.30
N ALA B 60 9.00 -9.16 -5.51
CA ALA B 60 9.49 -7.89 -6.03
C ALA B 60 10.94 -8.01 -6.50
N ASP B 61 11.76 -8.75 -5.75
CA ASP B 61 13.13 -9.01 -6.19
C ASP B 61 13.14 -9.73 -7.54
N TYR B 62 12.30 -10.75 -7.68
CA TYR B 62 12.24 -11.50 -8.93
C TYR B 62 11.81 -10.62 -10.08
N VAL B 63 10.75 -9.85 -9.87
CA VAL B 63 10.24 -8.92 -10.88
C VAL B 63 11.31 -7.89 -11.23
N THR B 64 12.02 -7.38 -10.23
CA THR B 64 13.04 -6.37 -10.50
C THR B 64 14.15 -6.94 -11.38
N SER B 65 14.49 -8.23 -11.19
CA SER B 65 15.52 -8.85 -12.02
C SER B 65 15.08 -8.99 -13.48
N LEU B 66 13.78 -8.94 -13.78
CA LEU B 66 13.25 -9.03 -15.13
C LEU B 66 13.00 -7.66 -15.77
N LEU B 67 13.08 -6.59 -15.00
CA LEU B 67 12.65 -5.29 -15.48
C LEU B 67 13.61 -4.74 -16.52
N GLN B 68 13.07 -4.34 -17.68
CA GLN B 68 13.89 -3.79 -18.75
C GLN B 68 14.09 -2.29 -18.57
N PRO B 69 15.05 -1.69 -19.27
CA PRO B 69 15.29 -0.25 -19.11
C PRO B 69 14.07 0.62 -19.40
N ASP B 70 13.14 0.17 -20.25
CA ASP B 70 11.98 1.01 -20.55
C ASP B 70 10.87 0.91 -19.48
N GLY B 71 11.05 0.08 -18.45
CA GLY B 71 10.04 -0.05 -17.43
C GLY B 71 9.03 -1.16 -17.68
N ASP B 72 9.23 -1.94 -18.73
CA ASP B 72 8.34 -3.05 -19.09
C ASP B 72 8.98 -4.38 -18.70
N ILE B 73 8.15 -5.40 -18.65
CA ILE B 73 8.64 -6.77 -18.54
C ILE B 73 8.09 -7.49 -19.76
N PRO B 74 8.77 -7.44 -20.91
CA PRO B 74 8.20 -8.03 -22.13
C PRO B 74 8.34 -9.54 -22.20
N GLN B 75 9.21 -10.14 -21.40
CA GLN B 75 9.45 -11.57 -21.34
C GLN B 75 9.76 -11.93 -19.88
N PRO B 76 9.48 -13.17 -19.48
CA PRO B 76 8.88 -14.24 -20.29
C PRO B 76 7.36 -14.10 -20.36
N ARG B 77 6.79 -14.10 -21.57
CA ARG B 77 5.35 -14.12 -21.79
C ARG B 77 5.04 -15.14 -22.87
N GLU B 78 4.01 -15.97 -22.63
CA GLU B 78 3.57 -16.98 -23.60
C GLU B 78 2.08 -16.90 -23.93
N GLU B 79 1.23 -16.59 -22.96
CA GLU B 79 -0.21 -16.55 -23.20
C GLU B 79 -0.56 -15.36 -24.08
N ARG B 80 -1.32 -15.59 -25.15
CA ARG B 80 -1.52 -14.47 -26.06
C ARG B 80 -2.47 -13.40 -25.50
N TYR B 81 -3.26 -13.72 -24.47
CA TYR B 81 -4.02 -12.64 -23.84
C TYR B 81 -3.08 -11.60 -23.21
N PHE B 82 -1.88 -12.01 -22.82
CA PHE B 82 -0.85 -11.09 -22.33
C PHE B 82 0.08 -10.59 -23.46
N LEU B 83 -0.26 -10.84 -24.71
CA LEU B 83 0.46 -10.24 -25.84
C LEU B 83 -0.37 -9.23 -26.60
N ASP B 84 -1.57 -9.60 -27.08
CA ASP B 84 -2.33 -8.67 -27.92
C ASP B 84 -3.76 -8.47 -27.47
N VAL B 85 -4.19 -9.02 -26.33
CA VAL B 85 -5.55 -8.76 -25.89
C VAL B 85 -5.51 -7.71 -24.77
N HIS B 86 -4.75 -8.00 -23.70
CA HIS B 86 -4.52 -7.00 -22.65
C HIS B 86 -3.12 -7.21 -22.08
N TYR B 87 -2.14 -6.83 -22.90
CA TYR B 87 -0.73 -6.86 -22.53
C TYR B 87 -0.45 -6.21 -21.17
N LEU B 88 -1.01 -5.04 -20.93
CA LEU B 88 -0.73 -4.33 -19.68
C LEU B 88 -1.40 -4.92 -18.46
N TYR B 89 -2.18 -5.99 -18.61
CA TYR B 89 -2.86 -6.53 -17.44
C TYR B 89 -1.83 -7.00 -16.40
N ALA B 90 -0.73 -7.59 -16.86
CA ALA B 90 0.37 -7.93 -15.96
C ALA B 90 0.98 -6.68 -15.34
N ASN B 91 1.29 -5.67 -16.17
CA ASN B 91 2.01 -4.49 -15.69
C ASN B 91 1.21 -3.76 -14.60
N GLY B 92 -0.11 -3.75 -14.72
CA GLY B 92 -0.91 -2.98 -13.76
C GLY B 92 -0.84 -3.55 -12.35
N TYR B 93 -0.98 -4.87 -12.21
CA TYR B 93 -0.85 -5.46 -10.88
C TYR B 93 0.57 -5.35 -10.36
N LEU B 94 1.55 -5.51 -11.25
CA LEU B 94 2.95 -5.35 -10.84
C LEU B 94 3.20 -3.95 -10.28
N THR B 95 2.62 -2.92 -10.91
CA THR B 95 2.79 -1.56 -10.42
C THR B 95 2.20 -1.38 -9.04
N ILE B 96 0.95 -1.84 -8.86
CA ILE B 96 0.23 -1.67 -7.59
C ILE B 96 0.98 -2.38 -6.48
N GLY B 97 1.38 -3.63 -6.74
CA GLY B 97 2.04 -4.41 -5.70
C GLY B 97 3.37 -3.80 -5.31
N ALA B 98 4.12 -3.32 -6.29
CA ALA B 98 5.38 -2.64 -5.99
C ALA B 98 5.14 -1.38 -5.17
N HIS B 99 4.14 -0.58 -5.56
CA HIS B 99 3.91 0.68 -4.86
C HIS B 99 3.48 0.44 -3.41
N VAL B 100 2.56 -0.48 -3.18
CA VAL B 100 2.08 -0.72 -1.81
C VAL B 100 3.20 -1.29 -0.93
N LEU B 101 4.16 -2.02 -1.52
CA LEU B 101 5.33 -2.48 -0.79
C LEU B 101 6.35 -1.38 -0.51
N GLY B 102 6.16 -0.16 -1.01
CA GLY B 102 7.18 0.86 -0.85
C GLY B 102 8.35 0.73 -1.80
N ARG B 103 8.28 -0.14 -2.79
CA ARG B 103 9.32 -0.25 -3.81
C ARG B 103 9.04 0.82 -4.86
N PHE B 104 9.31 2.07 -4.46
CA PHE B 104 8.86 3.21 -5.24
C PHE B 104 9.64 3.36 -6.54
N GLY B 105 10.88 2.88 -6.61
CA GLY B 105 11.59 2.92 -7.88
C GLY B 105 11.00 1.96 -8.89
N LEU B 106 10.68 0.75 -8.45
CA LEU B 106 9.99 -0.21 -9.32
C LEU B 106 8.63 0.32 -9.79
N SER B 107 7.80 0.83 -8.87
CA SER B 107 6.47 1.28 -9.27
C SER B 107 6.56 2.50 -10.18
N ARG B 108 7.49 3.43 -9.90
CA ARG B 108 7.67 4.56 -10.82
C ARG B 108 8.04 4.07 -12.22
N LYS B 109 8.98 3.14 -12.32
CA LYS B 109 9.40 2.71 -13.66
C LYS B 109 8.28 1.95 -14.36
N LEU B 110 7.55 1.12 -13.62
CA LEU B 110 6.46 0.35 -14.22
C LEU B 110 5.35 1.26 -14.69
N MET B 111 4.96 2.23 -13.84
CA MET B 111 3.84 3.10 -14.18
C MET B 111 4.20 4.01 -15.36
N SER B 112 5.44 4.47 -15.43
CA SER B 112 5.84 5.31 -16.54
C SER B 112 5.77 4.56 -17.86
N PHE B 113 6.17 3.29 -17.88
CA PHE B 113 5.99 2.53 -19.11
C PHE B 113 4.50 2.36 -19.42
N VAL B 114 3.68 2.07 -18.41
CA VAL B 114 2.25 1.93 -18.66
C VAL B 114 1.72 3.17 -19.36
N GLU B 115 2.16 4.36 -18.92
CA GLU B 115 1.63 5.60 -19.49
C GLU B 115 2.14 5.85 -20.91
N THR B 116 3.25 5.23 -21.32
CA THR B 116 3.63 5.35 -22.73
C THR B 116 2.66 4.62 -23.65
N MET B 117 1.82 3.73 -23.11
CA MET B 117 0.87 3.01 -23.93
C MET B 117 -0.52 3.63 -23.88
N ARG B 118 -0.64 4.80 -23.26
CA ARG B 118 -1.89 5.55 -23.23
C ARG B 118 -2.12 6.29 -24.55
N ASN B 119 -3.35 6.20 -25.05
CA ASN B 119 -3.82 6.95 -26.22
C ASN B 119 -4.27 8.32 -25.73
N PRO B 120 -3.54 9.38 -26.05
CA PRO B 120 -3.88 10.70 -25.48
C PRO B 120 -5.23 11.24 -25.94
N ALA B 121 -5.78 10.72 -27.04
CA ALA B 121 -7.04 11.23 -27.58
C ALA B 121 -8.26 10.57 -26.96
N THR B 122 -8.18 9.28 -26.63
CA THR B 122 -9.31 8.57 -26.07
C THR B 122 -9.16 8.27 -24.59
N GLY B 123 -7.93 8.29 -24.07
CA GLY B 123 -7.66 7.89 -22.70
C GLY B 123 -7.59 6.40 -22.47
N GLY B 124 -7.81 5.58 -23.50
CA GLY B 124 -7.65 4.16 -23.37
C GLY B 124 -6.19 3.76 -23.45
N PHE B 125 -5.93 2.49 -23.14
CA PHE B 125 -4.59 1.95 -23.11
C PHE B 125 -4.48 0.83 -24.12
N ARG B 126 -3.40 0.84 -24.89
CA ARG B 126 -3.23 -0.06 -26.03
C ARG B 126 -3.19 -1.52 -25.61
N SER B 127 -3.84 -2.37 -26.42
CA SER B 127 -4.03 -3.79 -26.09
C SER B 127 -2.78 -4.62 -26.31
N HIS B 128 -1.94 -4.21 -27.26
CA HIS B 128 -0.80 -5.03 -27.67
C HIS B 128 0.49 -4.34 -27.28
N GLY B 129 1.45 -5.14 -26.83
CA GLY B 129 2.70 -4.60 -26.34
C GLY B 129 3.61 -4.12 -27.46
N PRO B 130 4.74 -3.55 -27.06
CA PRO B 130 5.64 -2.93 -28.05
C PRO B 130 6.21 -3.90 -29.06
N ALA B 131 6.51 -5.14 -28.67
CA ALA B 131 7.04 -6.09 -29.66
C ALA B 131 5.93 -6.81 -30.41
N ILE B 132 4.67 -6.45 -30.17
CA ILE B 132 3.54 -7.17 -30.73
C ILE B 132 2.89 -6.28 -31.79
N PRO B 133 2.85 -6.70 -33.05
CA PRO B 133 2.13 -5.92 -34.06
C PRO B 133 0.65 -5.77 -33.72
N GLY B 134 0.11 -4.57 -33.93
CA GLY B 134 -1.31 -4.36 -33.81
C GLY B 134 -1.69 -3.04 -34.40
N ASP B 135 -2.97 -2.70 -34.27
CA ASP B 135 -3.56 -1.54 -34.92
C ASP B 135 -3.86 -0.40 -33.95
N GLY B 136 -3.35 -0.44 -32.71
CA GLY B 136 -3.65 0.59 -31.74
C GLY B 136 -4.98 0.46 -31.02
N ARG B 137 -5.65 -0.68 -31.10
CA ARG B 137 -6.89 -0.84 -30.36
C ARG B 137 -6.62 -0.74 -28.86
N CYS B 138 -7.57 -0.18 -28.12
CA CYS B 138 -7.53 -0.20 -26.65
C CYS B 138 -8.73 -0.93 -26.08
N ASP B 139 -8.54 -1.62 -24.95
CA ASP B 139 -9.61 -2.43 -24.39
C ASP B 139 -9.96 -1.98 -22.96
N SER B 140 -11.11 -2.46 -22.50
CA SER B 140 -11.61 -2.07 -21.18
C SER B 140 -10.73 -2.60 -20.05
N VAL B 141 -10.09 -3.75 -20.23
CA VAL B 141 -9.31 -4.35 -19.14
C VAL B 141 -7.95 -3.68 -19.04
N SER B 142 -7.25 -3.52 -20.17
CA SER B 142 -6.01 -2.73 -20.17
C SER B 142 -6.25 -1.36 -19.55
N THR B 143 -7.34 -0.71 -19.97
CA THR B 143 -7.60 0.64 -19.48
C THR B 143 -7.95 0.64 -18.00
N SER B 144 -8.73 -0.34 -17.54
CA SER B 144 -9.20 -0.37 -16.16
C SER B 144 -8.05 -0.60 -15.18
N ILE B 145 -7.26 -1.64 -15.43
CA ILE B 145 -6.14 -1.94 -14.53
C ILE B 145 -5.12 -0.81 -14.56
N SER B 146 -4.95 -0.17 -15.71
CA SER B 146 -4.00 0.93 -15.79
C SER B 146 -4.50 2.13 -14.99
N GLY B 147 -5.81 2.40 -15.05
CA GLY B 147 -6.35 3.47 -14.23
C GLY B 147 -6.27 3.16 -12.74
N LEU B 148 -6.37 1.88 -12.37
CA LEU B 148 -6.28 1.53 -10.97
C LEU B 148 -4.83 1.68 -10.49
N ALA B 149 -3.87 1.25 -11.31
CA ALA B 149 -2.47 1.45 -10.97
C ALA B 149 -2.16 2.93 -10.85
N ALA B 150 -2.79 3.76 -11.69
CA ALA B 150 -2.57 5.20 -11.60
C ALA B 150 -3.11 5.76 -10.28
N LEU B 151 -4.24 5.22 -9.81
CA LEU B 151 -4.79 5.66 -8.53
C LEU B 151 -3.85 5.34 -7.39
N TYR B 152 -3.28 4.12 -7.38
CA TYR B 152 -2.33 3.76 -6.33
C TYR B 152 -1.05 4.59 -6.40
N THR B 153 -0.60 4.97 -7.59
CA THR B 153 0.60 5.77 -7.68
C THR B 153 0.32 7.28 -7.67
N GLY B 154 -0.94 7.68 -7.48
CA GLY B 154 -1.30 9.09 -7.38
C GLY B 154 -1.40 9.82 -8.70
N ARG B 155 -1.43 9.11 -9.82
CA ARG B 155 -1.57 9.75 -11.14
C ARG B 155 -3.06 9.87 -11.46
N VAL B 156 -3.72 10.74 -10.70
CA VAL B 156 -5.18 10.78 -10.72
C VAL B 156 -5.70 11.29 -12.08
N ASP B 157 -4.96 12.19 -12.73
CA ASP B 157 -5.41 12.66 -14.03
C ASP B 157 -5.46 11.52 -15.04
N THR B 158 -4.43 10.66 -15.05
CA THR B 158 -4.47 9.47 -15.89
C THR B 158 -5.69 8.59 -15.58
N ALA B 159 -6.00 8.39 -14.30
CA ALA B 159 -7.18 7.60 -13.94
C ALA B 159 -8.45 8.23 -14.47
N ARG B 160 -8.60 9.55 -14.31
CA ARG B 160 -9.80 10.23 -14.82
C ARG B 160 -9.92 10.05 -16.33
N SER B 161 -8.80 10.14 -17.05
CA SER B 161 -8.85 9.98 -18.50
C SER B 161 -9.19 8.55 -18.88
N ALA B 162 -8.74 7.55 -18.08
CA ALA B 162 -9.16 6.18 -18.32
C ALA B 162 -10.67 6.02 -18.15
N ALA B 163 -11.26 6.74 -17.18
CA ALA B 163 -12.70 6.64 -16.97
C ALA B 163 -13.47 7.30 -18.10
N ASP B 164 -12.89 8.35 -18.71
CA ASP B 164 -13.49 8.92 -19.93
C ASP B 164 -13.56 7.88 -21.03
N PHE B 165 -12.48 7.14 -21.25
CA PHE B 165 -12.49 6.05 -22.21
C PHE B 165 -13.61 5.06 -21.93
N LEU B 166 -13.72 4.62 -20.67
CA LEU B 166 -14.71 3.61 -20.32
C LEU B 166 -16.13 4.12 -20.53
N GLY B 167 -16.39 5.38 -20.18
CA GLY B 167 -17.72 5.93 -20.37
C GLY B 167 -18.10 6.02 -21.83
N SER B 168 -17.12 6.30 -22.68
CA SER B 168 -17.34 6.37 -24.11
C SER B 168 -17.59 4.99 -24.69
N LEU B 169 -16.82 3.99 -24.23
CA LEU B 169 -17.07 2.61 -24.61
C LEU B 169 -18.48 2.19 -24.24
N TRP B 170 -18.95 2.59 -23.06
CA TRP B 170 -20.26 2.20 -22.58
C TRP B 170 -21.36 2.84 -23.43
N VAL B 171 -21.23 4.15 -23.69
CA VAL B 171 -22.25 4.88 -24.42
C VAL B 171 -22.33 4.41 -25.87
N GLY B 172 -21.19 4.07 -26.46
CA GLY B 172 -21.11 3.71 -27.85
C GLY B 172 -21.44 2.27 -28.20
N GLN B 173 -21.94 1.48 -27.24
CA GLN B 173 -22.22 0.08 -27.51
C GLN B 173 -23.37 -0.03 -28.49
N PRO B 174 -23.22 -0.79 -29.58
CA PRO B 174 -24.29 -0.84 -30.59
C PRO B 174 -25.41 -1.83 -30.29
N ASP B 175 -25.20 -2.78 -29.38
CA ASP B 175 -26.12 -3.88 -29.18
C ASP B 175 -25.99 -4.40 -27.75
N ARG B 176 -26.23 -3.51 -26.77
CA ARG B 176 -25.82 -3.75 -25.39
C ARG B 176 -26.56 -4.91 -24.74
N LYS B 177 -27.80 -5.16 -25.17
CA LYS B 177 -28.56 -6.26 -24.60
C LYS B 177 -27.88 -7.59 -24.85
N ASN B 178 -27.26 -7.75 -26.02
CA ASN B 178 -26.73 -9.05 -26.43
C ASN B 178 -25.21 -9.17 -26.39
N VAL B 179 -24.46 -8.09 -26.59
CA VAL B 179 -23.00 -8.14 -26.67
CA VAL B 179 -23.01 -8.15 -26.63
C VAL B 179 -22.44 -6.92 -25.97
N PHE B 180 -21.32 -7.09 -25.25
CA PHE B 180 -20.51 -5.98 -24.78
C PHE B 180 -19.21 -6.03 -25.57
N HIS B 181 -19.02 -5.06 -26.45
CA HIS B 181 -17.77 -4.96 -27.21
C HIS B 181 -16.77 -4.19 -26.36
N ALA B 182 -15.70 -4.86 -25.94
CA ALA B 182 -14.78 -4.35 -24.93
C ALA B 182 -13.60 -3.58 -25.52
N VAL B 183 -13.54 -3.39 -26.83
CA VAL B 183 -12.39 -2.78 -27.48
C VAL B 183 -12.87 -1.60 -28.31
N ALA B 184 -12.07 -0.53 -28.33
CA ALA B 184 -12.25 0.57 -29.27
C ALA B 184 -11.01 0.71 -30.14
N ASP B 185 -11.19 1.28 -31.34
CA ASP B 185 -10.04 1.52 -32.21
C ASP B 185 -9.30 2.75 -31.72
N ALA B 186 -8.21 3.09 -32.43
CA ALA B 186 -7.35 4.19 -31.99
C ALA B 186 -8.03 5.55 -32.05
N SER B 187 -9.15 5.69 -32.76
CA SER B 187 -9.94 6.93 -32.75
C SER B 187 -11.04 6.95 -31.70
N GLY B 188 -11.27 5.84 -31.01
CA GLY B 188 -12.30 5.80 -30.00
C GLY B 188 -13.62 5.18 -30.42
N ALA B 189 -13.71 4.65 -31.64
CA ALA B 189 -14.92 3.97 -32.07
C ALA B 189 -14.93 2.53 -31.58
N VAL B 190 -16.08 2.09 -31.07
CA VAL B 190 -16.21 0.72 -30.61
C VAL B 190 -15.95 -0.25 -31.76
N LEU B 191 -15.12 -1.26 -31.50
CA LEU B 191 -14.75 -2.26 -32.50
C LEU B 191 -15.69 -3.45 -32.44
N THR B 192 -16.32 -3.79 -33.57
CA THR B 192 -17.23 -4.94 -33.63
C THR B 192 -16.68 -6.06 -34.51
N SER B 193 -15.43 -5.95 -34.92
CA SER B 193 -14.76 -7.01 -35.66
C SER B 193 -14.82 -8.33 -34.89
N ASP B 194 -14.71 -9.44 -35.64
CA ASP B 194 -14.65 -10.75 -35.02
C ASP B 194 -13.42 -10.92 -34.14
N ASP B 195 -12.33 -10.21 -34.43
CA ASP B 195 -11.10 -10.38 -33.68
C ASP B 195 -11.01 -9.47 -32.46
N ALA B 196 -12.07 -8.71 -32.16
CA ALA B 196 -12.12 -7.86 -30.99
C ALA B 196 -12.93 -8.53 -29.89
N VAL B 197 -12.43 -8.45 -28.65
CA VAL B 197 -13.10 -9.08 -27.50
C VAL B 197 -14.56 -8.62 -27.45
N ALA B 198 -15.47 -9.59 -27.35
CA ALA B 198 -16.90 -9.33 -27.23
C ALA B 198 -17.48 -10.31 -26.22
N VAL B 199 -18.09 -9.79 -25.16
CA VAL B 199 -18.75 -10.61 -24.13
C VAL B 199 -20.18 -10.91 -24.57
N GLN B 200 -20.53 -12.19 -24.64
CA GLN B 200 -21.89 -12.60 -24.95
C GLN B 200 -22.72 -12.47 -23.67
N VAL B 201 -23.48 -11.38 -23.59
CA VAL B 201 -24.14 -10.93 -22.36
C VAL B 201 -25.18 -11.91 -21.87
N ARG B 202 -25.88 -12.57 -22.80
CA ARG B 202 -26.98 -13.46 -22.45
CA ARG B 202 -26.98 -13.46 -22.42
C ARG B 202 -26.60 -14.93 -22.61
N LYS B 203 -25.31 -15.24 -22.54
CA LYS B 203 -24.81 -16.60 -22.61
C LYS B 203 -23.87 -16.81 -21.43
N ALA B 204 -23.65 -18.08 -21.07
CA ALA B 204 -22.73 -18.43 -19.99
C ALA B 204 -21.36 -18.76 -20.58
N GLU B 205 -20.72 -17.73 -21.12
CA GLU B 205 -19.47 -17.95 -21.85
C GLU B 205 -18.34 -17.08 -21.33
N GLY B 206 -18.39 -16.68 -20.06
CA GLY B 206 -17.24 -16.04 -19.44
C GLY B 206 -16.96 -14.64 -19.97
N ASP B 207 -15.71 -14.21 -19.77
CA ASP B 207 -15.16 -12.92 -20.17
C ASP B 207 -15.71 -11.76 -19.37
N TRP B 208 -16.40 -12.03 -18.25
CA TRP B 208 -17.14 -10.99 -17.56
C TRP B 208 -16.23 -9.92 -16.96
N TYR B 209 -14.95 -10.23 -16.74
CA TYR B 209 -14.07 -9.23 -16.14
C TYR B 209 -13.82 -8.03 -17.06
N PHE B 210 -14.13 -8.14 -18.35
CA PHE B 210 -14.10 -6.97 -19.21
C PHE B 210 -15.16 -5.94 -18.82
N ILE B 211 -16.16 -6.34 -18.03
CA ILE B 211 -17.12 -5.42 -17.45
C ILE B 211 -16.84 -5.19 -15.97
N GLY B 212 -16.54 -6.27 -15.24
CA GLY B 212 -16.38 -6.16 -13.79
C GLY B 212 -15.15 -5.38 -13.35
N LEU B 213 -14.02 -5.53 -14.06
CA LEU B 213 -12.84 -4.74 -13.67
C LEU B 213 -13.12 -3.26 -13.85
N PRO B 214 -13.69 -2.80 -14.99
CA PRO B 214 -14.15 -1.41 -15.06
C PRO B 214 -15.04 -0.99 -13.90
N ALA B 215 -16.00 -1.83 -13.48
CA ALA B 215 -16.85 -1.44 -12.35
C ALA B 215 -16.02 -1.24 -11.07
N PHE B 216 -15.08 -2.14 -10.78
CA PHE B 216 -14.18 -1.98 -9.63
C PHE B 216 -13.37 -0.69 -9.72
N PHE B 217 -12.71 -0.48 -10.87
CA PHE B 217 -11.87 0.71 -11.02
C PHE B 217 -12.69 1.99 -10.87
N LEU B 218 -13.84 2.06 -11.56
CA LEU B 218 -14.66 3.27 -11.49
C LEU B 218 -15.13 3.56 -10.07
N THR B 219 -15.44 2.51 -9.29
CA THR B 219 -15.81 2.75 -7.91
C THR B 219 -14.64 3.27 -7.10
N ALA B 220 -13.45 2.69 -7.32
CA ALA B 220 -12.26 3.21 -6.65
C ALA B 220 -12.02 4.66 -7.03
N LEU B 221 -12.25 5.01 -8.30
CA LEU B 221 -12.01 6.37 -8.75
C LEU B 221 -13.04 7.32 -8.15
N TYR B 222 -14.28 6.86 -8.01
CA TYR B 222 -15.27 7.65 -7.29
C TYR B 222 -14.85 7.86 -5.85
N GLU B 223 -14.39 6.80 -5.17
CA GLU B 223 -13.94 6.98 -3.79
C GLU B 223 -12.84 8.04 -3.71
N ALA B 224 -11.94 8.08 -4.70
CA ALA B 224 -10.77 8.96 -4.67
C ALA B 224 -11.13 10.43 -4.94
N THR B 225 -12.18 10.68 -5.73
CA THR B 225 -12.54 12.01 -6.22
C THR B 225 -13.90 12.51 -5.75
N GLU B 226 -14.82 11.62 -5.40
CA GLU B 226 -16.21 11.94 -5.06
C GLU B 226 -16.97 12.57 -6.22
N ASP B 227 -16.46 12.40 -7.44
CA ASP B 227 -17.18 12.81 -8.64
C ASP B 227 -18.25 11.77 -8.95
N ARG B 228 -19.53 12.17 -8.84
CA ARG B 228 -20.62 11.21 -9.00
C ARG B 228 -20.74 10.63 -10.40
N ALA B 229 -20.15 11.29 -11.40
CA ALA B 229 -20.14 10.70 -12.74
C ALA B 229 -19.53 9.28 -12.72
N TYR B 230 -18.49 9.09 -11.92
CA TYR B 230 -17.85 7.77 -11.87
C TYR B 230 -18.70 6.78 -11.09
N LEU B 231 -19.32 7.24 -10.00
CA LEU B 231 -20.25 6.37 -9.29
C LEU B 231 -21.41 5.98 -10.19
N ASP B 232 -21.92 6.92 -10.99
CA ASP B 232 -23.05 6.62 -11.87
C ASP B 232 -22.70 5.54 -12.87
N LEU B 233 -21.51 5.60 -13.47
CA LEU B 233 -21.14 4.59 -14.44
C LEU B 233 -20.88 3.24 -13.77
N ALA B 234 -20.23 3.25 -12.60
CA ALA B 234 -19.99 2.02 -11.87
C ALA B 234 -21.30 1.33 -11.53
N THR B 235 -22.28 2.10 -11.01
CA THR B 235 -23.56 1.51 -10.65
C THR B 235 -24.32 1.03 -11.88
N ASP B 236 -24.23 1.76 -13.00
CA ASP B 236 -24.81 1.29 -14.25
C ASP B 236 -24.17 -0.02 -14.70
N LEU B 237 -22.85 -0.14 -14.55
CA LEU B 237 -22.21 -1.40 -14.93
C LEU B 237 -22.65 -2.54 -14.00
N MET B 238 -22.81 -2.24 -12.71
CA MET B 238 -23.23 -3.28 -11.77
C MET B 238 -24.68 -3.70 -12.00
N THR B 239 -25.56 -2.74 -12.31
CA THR B 239 -26.94 -3.09 -12.66
C THR B 239 -26.97 -3.99 -13.88
N TYR B 240 -26.17 -3.64 -14.89
CA TYR B 240 -26.06 -4.43 -16.11
C TYR B 240 -25.66 -5.87 -15.80
N MET B 241 -24.60 -6.07 -15.03
CA MET B 241 -24.15 -7.42 -14.69
C MET B 241 -25.18 -8.14 -13.83
N ASP B 242 -25.83 -7.43 -12.91
CA ASP B 242 -26.81 -8.09 -12.04
C ASP B 242 -28.12 -8.38 -12.77
N GLU B 243 -28.68 -7.38 -13.44
CA GLU B 243 -30.03 -7.50 -14.01
C GLU B 243 -30.02 -7.99 -15.45
N ASP B 244 -29.04 -7.58 -16.25
CA ASP B 244 -29.11 -7.79 -17.69
C ASP B 244 -28.18 -8.89 -18.20
N CYS B 245 -27.10 -9.17 -17.49
CA CYS B 245 -26.20 -10.23 -17.91
C CYS B 245 -26.69 -11.58 -17.40
N ASP B 246 -26.24 -12.64 -18.09
CA ASP B 246 -26.42 -14.01 -17.62
C ASP B 246 -26.00 -14.17 -16.17
N GLU B 247 -26.61 -15.15 -15.49
CA GLU B 247 -26.18 -15.51 -14.14
C GLU B 247 -24.69 -15.84 -14.07
N ASP B 248 -24.13 -16.37 -15.16
CA ASP B 248 -22.70 -16.69 -15.22
C ASP B 248 -21.81 -15.50 -14.84
N ALA B 249 -22.32 -14.27 -14.97
CA ALA B 249 -21.50 -13.09 -14.65
C ALA B 249 -21.06 -13.11 -13.19
N PHE B 250 -21.83 -13.76 -12.32
CA PHE B 250 -21.48 -13.88 -10.91
C PHE B 250 -21.08 -15.30 -10.52
N VAL B 251 -20.75 -16.15 -11.49
CA VAL B 251 -20.46 -17.56 -11.23
C VAL B 251 -19.15 -17.98 -11.90
N ASP B 252 -18.91 -17.44 -13.09
CA ASP B 252 -17.67 -17.71 -13.83
C ASP B 252 -16.43 -17.34 -12.99
N SER B 253 -15.32 -18.02 -13.24
CA SER B 253 -14.09 -17.78 -12.48
C SER B 253 -13.63 -16.32 -12.53
N SER B 254 -14.07 -15.55 -13.51
CA SER B 254 -13.69 -14.14 -13.60
C SER B 254 -14.61 -13.20 -12.82
N CYS B 255 -15.55 -13.74 -12.04
CA CYS B 255 -16.54 -12.92 -11.33
C CYS B 255 -15.98 -12.17 -10.14
N GLY B 256 -14.75 -12.44 -9.74
CA GLY B 256 -14.21 -11.81 -8.54
C GLY B 256 -14.08 -10.31 -8.65
N LYS B 257 -13.78 -9.80 -9.86
CA LYS B 257 -13.68 -8.36 -10.05
C LYS B 257 -15.02 -7.66 -9.72
N ALA B 258 -16.11 -8.18 -10.23
CA ALA B 258 -17.43 -7.64 -9.90
C ALA B 258 -17.72 -7.82 -8.40
N GLY B 259 -17.27 -8.94 -7.82
CA GLY B 259 -17.43 -9.13 -6.39
C GLY B 259 -16.77 -8.05 -5.58
N VAL B 260 -15.53 -7.69 -5.90
CA VAL B 260 -14.84 -6.59 -5.23
C VAL B 260 -15.59 -5.29 -5.45
N ALA B 261 -16.01 -5.03 -6.68
CA ALA B 261 -16.73 -3.80 -6.96
C ALA B 261 -18.00 -3.70 -6.12
N ALA B 262 -18.74 -4.82 -6.01
CA ALA B 262 -19.97 -4.79 -5.22
C ALA B 262 -19.65 -4.60 -3.75
N ALA B 263 -18.54 -5.18 -3.26
CA ALA B 263 -18.20 -5.00 -1.87
C ALA B 263 -17.88 -3.54 -1.58
N LEU B 264 -17.09 -2.91 -2.47
CA LEU B 264 -16.75 -1.50 -2.31
C LEU B 264 -18.00 -0.63 -2.44
N LEU B 265 -18.84 -0.89 -3.45
CA LEU B 265 -20.11 -0.16 -3.58
C LEU B 265 -20.95 -0.26 -2.34
N TYR B 266 -20.95 -1.43 -1.70
CA TYR B 266 -21.69 -1.59 -0.47
C TYR B 266 -21.15 -0.66 0.61
N ARG B 267 -19.83 -0.65 0.82
CA ARG B 267 -19.31 0.23 1.87
C ARG B 267 -19.60 1.69 1.58
N LEU B 268 -19.57 2.07 0.30
CA LEU B 268 -19.73 3.47 -0.06
C LEU B 268 -21.20 3.91 -0.06
N THR B 269 -22.11 3.03 -0.45
CA THR B 269 -23.53 3.41 -0.57
C THR B 269 -24.45 2.73 0.44
N GLY B 270 -24.03 1.62 1.03
CA GLY B 270 -24.87 0.91 1.96
C GLY B 270 -26.03 0.14 1.34
N ARG B 271 -26.17 0.13 0.03
CA ARG B 271 -27.30 -0.58 -0.59
C ARG B 271 -27.18 -2.09 -0.41
N PRO B 272 -28.23 -2.75 0.09
CA PRO B 272 -28.12 -4.17 0.46
C PRO B 272 -27.85 -5.13 -0.68
N ARG B 273 -28.30 -4.82 -1.90
CA ARG B 273 -28.04 -5.73 -3.03
C ARG B 273 -26.54 -5.89 -3.28
N TYR B 274 -25.78 -4.80 -3.12
CA TYR B 274 -24.34 -4.88 -3.31
C TYR B 274 -23.68 -5.83 -2.29
N ARG B 275 -24.14 -5.78 -1.03
CA ARG B 275 -23.63 -6.74 -0.07
C ARG B 275 -23.95 -8.18 -0.49
N GLU B 276 -25.17 -8.41 -1.00
CA GLU B 276 -25.57 -9.76 -1.42
C GLU B 276 -24.71 -10.27 -2.56
N ILE B 277 -24.43 -9.41 -3.54
CA ILE B 277 -23.62 -9.84 -4.67
C ILE B 277 -22.23 -10.23 -4.19
N ALA B 278 -21.61 -9.37 -3.37
CA ALA B 278 -20.25 -9.62 -2.91
C ALA B 278 -20.18 -10.83 -1.99
N GLU B 279 -21.16 -10.97 -1.08
CA GLU B 279 -21.26 -12.16 -0.23
C GLU B 279 -21.34 -13.41 -1.08
N GLY B 280 -22.21 -13.39 -2.11
CA GLY B 280 -22.42 -14.57 -2.90
C GLY B 280 -21.18 -14.95 -3.68
N ILE B 281 -20.49 -13.96 -4.25
CA ILE B 281 -19.28 -14.24 -5.01
C ILE B 281 -18.16 -14.70 -4.08
N GLY B 282 -17.95 -14.01 -2.96
CA GLY B 282 -16.90 -14.43 -2.03
C GLY B 282 -17.13 -15.84 -1.49
N THR B 283 -18.39 -16.15 -1.14
CA THR B 283 -18.71 -17.48 -0.66
C THR B 283 -18.43 -18.54 -1.73
N LEU B 284 -18.73 -18.21 -2.99
CA LEU B 284 -18.48 -19.13 -4.10
C LEU B 284 -16.99 -19.42 -4.27
N LEU B 285 -16.15 -18.37 -4.24
CA LEU B 285 -14.71 -18.59 -4.35
C LEU B 285 -14.19 -19.44 -3.19
N CYS B 286 -14.61 -19.11 -1.97
CA CYS B 286 -14.23 -19.90 -0.78
C CYS B 286 -14.61 -21.37 -0.97
N GLU B 287 -15.80 -21.64 -1.54
CA GLU B 287 -16.27 -23.02 -1.65
C GLU B 287 -15.47 -23.80 -2.68
N ARG B 288 -14.96 -23.14 -3.72
CA ARG B 288 -14.17 -23.79 -4.75
C ARG B 288 -12.72 -24.03 -4.34
N GLN B 289 -12.27 -23.50 -3.21
CA GLN B 289 -10.89 -23.72 -2.82
C GLN B 289 -10.63 -25.20 -2.56
N SER B 290 -9.50 -25.67 -3.05
CA SER B 290 -9.20 -27.07 -2.85
C SER B 290 -8.84 -27.31 -1.38
N PRO B 291 -9.05 -28.52 -0.88
CA PRO B 291 -8.72 -28.82 0.52
C PRO B 291 -7.28 -28.49 0.88
N TYR B 292 -6.35 -28.59 -0.07
CA TYR B 292 -4.94 -28.32 0.22
C TYR B 292 -4.59 -26.83 0.17
N GLY B 293 -5.49 -25.97 -0.32
CA GLY B 293 -5.38 -24.53 -0.14
C GLY B 293 -5.28 -23.70 -1.41
N TYR B 294 -4.99 -24.30 -2.55
CA TYR B 294 -4.94 -23.57 -3.81
C TYR B 294 -6.30 -23.63 -4.52
N TRP B 295 -6.39 -22.94 -5.66
CA TRP B 295 -7.50 -23.13 -6.60
C TRP B 295 -6.96 -23.63 -7.93
N SER B 296 -7.72 -24.50 -8.59
CA SER B 296 -7.33 -25.06 -9.88
C SER B 296 -8.59 -25.42 -10.65
N GLU B 297 -8.55 -25.28 -11.98
CA GLU B 297 -9.71 -25.67 -12.78
C GLU B 297 -9.92 -27.18 -12.73
N GLU B 298 -8.85 -27.97 -12.80
CA GLU B 298 -8.98 -29.40 -13.00
C GLU B 298 -8.33 -30.23 -11.89
N GLU B 299 -7.29 -29.75 -11.21
CA GLU B 299 -6.56 -30.57 -10.25
C GLU B 299 -7.10 -30.39 -8.84
N THR B 300 -6.96 -31.45 -8.03
CA THR B 300 -7.47 -31.46 -6.67
C THR B 300 -6.49 -32.03 -5.66
N GLY B 301 -5.37 -32.60 -6.08
CA GLY B 301 -4.50 -33.26 -5.14
C GLY B 301 -3.57 -32.33 -4.38
N ASP B 302 -2.72 -32.97 -3.58
CA ASP B 302 -1.62 -32.31 -2.87
C ASP B 302 -0.43 -32.06 -3.81
N VAL B 303 -0.61 -31.12 -4.73
CA VAL B 303 0.41 -30.86 -5.76
C VAL B 303 1.48 -29.91 -5.24
N ALA B 304 2.65 -29.95 -5.88
CA ALA B 304 3.76 -29.11 -5.49
C ALA B 304 3.87 -27.84 -6.33
N ASP B 305 3.14 -27.77 -7.44
CA ASP B 305 3.18 -26.60 -8.30
C ASP B 305 1.92 -26.63 -9.14
N LEU B 306 1.70 -25.56 -9.88
CA LEU B 306 0.48 -25.44 -10.65
C LEU B 306 0.79 -24.91 -12.04
N PHE B 307 -0.04 -25.29 -12.99
CA PHE B 307 -0.05 -24.63 -14.28
C PHE B 307 -0.28 -23.14 -14.06
N TRP B 308 0.34 -22.29 -14.92
CA TRP B 308 0.42 -20.86 -14.66
C TRP B 308 -0.95 -20.24 -14.37
N GLY B 309 -1.99 -20.71 -15.06
CA GLY B 309 -3.30 -20.09 -14.91
C GLY B 309 -3.94 -20.34 -13.55
N ASP B 310 -3.71 -21.52 -12.98
CA ASP B 310 -4.19 -21.85 -11.64
C ASP B 310 -3.40 -21.09 -10.59
N LEU B 311 -2.08 -20.93 -10.83
CA LEU B 311 -1.26 -20.17 -9.91
C LEU B 311 -1.73 -18.72 -9.87
N ASP B 312 -1.98 -18.15 -11.05
CA ASP B 312 -2.51 -16.80 -11.12
C ASP B 312 -3.86 -16.70 -10.43
N MET B 313 -4.77 -17.63 -10.74
CA MET B 313 -6.08 -17.66 -10.09
C MET B 313 -5.97 -17.76 -8.57
N THR B 314 -5.03 -18.58 -8.08
CA THR B 314 -4.82 -18.70 -6.65
C THR B 314 -4.40 -17.37 -6.03
N ALA B 315 -3.38 -16.70 -6.59
CA ALA B 315 -3.02 -15.39 -6.07
C ALA B 315 -4.17 -14.41 -6.20
N GLU B 316 -4.90 -14.50 -7.32
CA GLU B 316 -5.99 -13.57 -7.57
C GLU B 316 -7.08 -13.68 -6.52
N TYR B 317 -7.41 -14.91 -6.12
CA TYR B 317 -8.48 -15.09 -5.14
C TYR B 317 -7.99 -14.75 -3.74
N VAL B 318 -6.69 -14.90 -3.45
CA VAL B 318 -6.17 -14.33 -2.21
C VAL B 318 -6.54 -12.86 -2.13
N LEU B 319 -6.33 -12.14 -3.25
CA LEU B 319 -6.58 -10.71 -3.28
C LEU B 319 -8.06 -10.41 -3.20
N TRP B 320 -8.89 -11.07 -4.02
CA TRP B 320 -10.30 -10.71 -4.04
C TRP B 320 -10.98 -11.07 -2.73
N LEU B 321 -10.64 -12.22 -2.15
CA LEU B 321 -11.27 -12.60 -0.88
C LEU B 321 -10.90 -11.59 0.20
N ASP B 322 -9.65 -11.11 0.17
CA ASP B 322 -9.25 -10.09 1.14
C ASP B 322 -10.01 -8.78 0.92
N LEU B 323 -10.07 -8.30 -0.33
CA LEU B 323 -10.72 -7.03 -0.61
C LEU B 323 -12.22 -7.11 -0.36
N ILE B 324 -12.85 -8.20 -0.78
CA ILE B 324 -14.27 -8.36 -0.50
C ILE B 324 -14.49 -8.40 1.01
N GLY B 325 -13.65 -9.17 1.71
CA GLY B 325 -13.77 -9.26 3.16
C GLY B 325 -13.71 -7.92 3.86
N ARG B 326 -12.68 -7.12 3.56
CA ARG B 326 -12.53 -5.94 4.39
C ARG B 326 -13.57 -4.86 4.06
N ASN B 327 -14.02 -4.80 2.80
CA ASN B 327 -15.07 -3.85 2.45
C ASN B 327 -16.43 -4.27 2.99
N LEU B 328 -16.72 -5.58 3.05
CA LEU B 328 -17.99 -6.01 3.64
C LEU B 328 -17.98 -5.78 5.16
N ALA B 329 -16.86 -6.10 5.82
CA ALA B 329 -16.76 -5.89 7.26
C ALA B 329 -16.88 -4.41 7.62
N SER B 330 -16.19 -3.55 6.88
CA SER B 330 -16.32 -2.12 7.16
C SER B 330 -17.72 -1.62 6.80
N GLY B 331 -18.28 -2.09 5.68
CA GLY B 331 -19.63 -1.70 5.31
C GLY B 331 -20.65 -2.05 6.39
N GLU B 332 -20.50 -3.21 7.02
CA GLU B 332 -21.43 -3.58 8.08
C GLU B 332 -21.28 -2.66 9.29
N ARG B 333 -20.05 -2.25 9.60
CA ARG B 333 -19.81 -1.31 10.70
C ARG B 333 -20.41 0.05 10.38
N VAL B 334 -20.28 0.50 9.14
CA VAL B 334 -20.76 1.84 8.77
C VAL B 334 -22.28 1.87 8.68
N TRP B 335 -22.88 0.82 8.12
CA TRP B 335 -24.29 0.87 7.74
C TRP B 335 -25.22 0.09 8.65
N ALA B 336 -24.80 -1.05 9.15
CA ALA B 336 -25.70 -1.86 9.97
C ALA B 336 -25.50 -1.48 11.43
#